data_2PUW
#
_entry.id   2PUW
#
_cell.length_a   148.864
_cell.length_b   148.864
_cell.length_c   102.878
_cell.angle_alpha   90.00
_cell.angle_beta   90.00
_cell.angle_gamma   90.00
#
_symmetry.space_group_name_H-M   'I 4'
#
loop_
_entity.id
_entity.type
_entity.pdbx_description
1 polymer 'isomerase domain of glutamine-fructose-6-phosphate transaminase (isomerizing)'
2 non-polymer 6-O-phosphono-beta-D-glucopyranose
3 non-polymer 'CHLORIDE ION'
#
_entity_poly.entity_id   1
_entity_poly.type   'polypeptide(L)'
_entity_poly.pdbx_seq_one_letter_code
;MKGPYKHFMQKEIFEQPDSAFNTMRGRIDFENCVVTLGGLKSWLSTIRRCRRIIMIACGTSYHSCLATRSIFEELTEIPV
SVELASDFLDRRSPVFRDDTCVFVSQSGETADSILALQYCLERGALTVGIVNSVGSSMSRQTHCGVHINAGPEIGVASTK
AYTSQYIALVMFALSLSNDSISRKGRHEEIIKGLQKIPEQIKQVLKLENKIKDLCNSSLNDQKSLLLLGRGYQFATALEG
ALKIKEISYMHSEGVLAGELKHGILALVDEDLPIIAFATRDSLFPKVMSAIEQVTARDGRPIVICNEGDAIISNDKVHTT
LEVPETVDCLQGLLNVIPLQLISYWLAVNRGIDVDFPRNLAKSVTVE
;
_entity_poly.pdbx_strand_id   A,B
#
loop_
_chem_comp.id
_chem_comp.type
_chem_comp.name
_chem_comp.formula
BG6 D-saccharide, beta linking 6-O-phosphono-beta-D-glucopyranose 'C6 H13 O9 P'
CL non-polymer 'CHLORIDE ION' 'Cl -1'
#
# COMPACT_ATOMS: atom_id res chain seq x y z
N PRO A 4 26.72 -7.91 27.60
CA PRO A 4 27.59 -8.76 26.80
C PRO A 4 27.43 -8.65 25.25
N TYR A 5 26.59 -7.73 24.76
CA TYR A 5 26.50 -7.38 23.31
C TYR A 5 27.16 -6.01 23.12
N LYS A 6 27.60 -5.67 21.90
CA LYS A 6 28.28 -4.38 21.72
C LYS A 6 27.34 -3.16 21.60
N HIS A 7 26.10 -3.40 21.18
CA HIS A 7 25.07 -2.35 21.14
C HIS A 7 23.76 -2.74 21.84
N PHE A 8 23.07 -1.74 22.38
CA PHE A 8 21.76 -1.91 23.04
C PHE A 8 20.78 -2.56 22.10
N MET A 9 20.71 -2.05 20.88
CA MET A 9 19.82 -2.58 19.87
C MET A 9 20.07 -4.08 19.62
N GLN A 10 21.33 -4.49 19.49
CA GLN A 10 21.67 -5.91 19.40
C GLN A 10 21.12 -6.70 20.58
N LYS A 11 21.21 -6.10 21.78
CA LYS A 11 20.71 -6.73 23.00
C LYS A 11 19.25 -7.11 22.80
N GLU A 12 18.42 -6.09 22.61
CA GLU A 12 16.97 -6.25 22.56
C GLU A 12 16.44 -7.10 21.40
N ILE A 13 17.29 -7.36 20.40
CA ILE A 13 16.93 -8.36 19.41
C ILE A 13 16.86 -9.71 20.11
N PHE A 14 17.89 -10.04 20.88
CA PHE A 14 17.94 -11.31 21.62
C PHE A 14 17.10 -11.26 22.89
N GLU A 15 16.50 -10.10 23.11
CA GLU A 15 15.53 -9.89 24.17
C GLU A 15 14.23 -10.55 23.73
N GLN A 16 14.08 -10.70 22.42
CA GLN A 16 12.82 -11.13 21.83
C GLN A 16 12.29 -12.48 22.29
N PRO A 17 13.14 -13.52 22.34
CA PRO A 17 12.51 -14.76 22.81
C PRO A 17 12.00 -14.61 24.24
N ASP A 18 12.18 -13.42 24.82
CA ASP A 18 11.70 -13.10 26.17
C ASP A 18 10.58 -12.06 26.18
N SER A 19 10.80 -10.93 25.51
CA SER A 19 9.77 -9.92 25.33
C SER A 19 8.49 -10.55 24.77
N ALA A 20 8.68 -11.43 23.78
CA ALA A 20 7.59 -12.21 23.19
C ALA A 20 6.82 -13.07 24.21
N PHE A 21 7.54 -13.81 25.07
CA PHE A 21 6.89 -14.64 26.10
C PHE A 21 6.01 -13.82 27.04
N ASN A 22 6.51 -12.66 27.42
CA ASN A 22 5.82 -11.78 28.36
C ASN A 22 4.58 -11.13 27.76
N THR A 23 4.58 -11.01 26.42
CA THR A 23 3.48 -10.43 25.65
C THR A 23 2.28 -11.36 25.67
N MET A 24 2.57 -12.65 25.73
CA MET A 24 1.54 -13.66 25.86
C MET A 24 1.32 -13.99 27.33
N ARG A 25 2.39 -13.89 28.12
CA ARG A 25 2.43 -14.35 29.51
C ARG A 25 1.19 -14.02 30.30
N GLY A 26 0.51 -15.07 30.77
CA GLY A 26 -0.70 -14.93 31.56
C GLY A 26 -1.90 -14.32 30.84
N ARG A 27 -1.69 -13.83 29.62
CA ARG A 27 -2.79 -13.36 28.82
C ARG A 27 -3.36 -14.48 27.98
N ILE A 28 -2.59 -15.56 27.78
CA ILE A 28 -3.06 -16.74 27.04
C ILE A 28 -2.95 -18.05 27.80
N ASP A 29 -4.01 -18.87 27.77
CA ASP A 29 -4.02 -20.20 28.37
C ASP A 29 -3.81 -21.29 27.30
N PHE A 30 -2.73 -22.08 27.46
CA PHE A 30 -2.30 -23.07 26.49
C PHE A 30 -2.93 -24.42 26.68
N GLU A 31 -3.36 -24.71 27.91
CA GLU A 31 -4.05 -25.97 28.22
C GLU A 31 -5.39 -25.98 27.53
N ASN A 32 -6.17 -24.92 27.71
CA ASN A 32 -7.57 -24.92 27.26
C ASN A 32 -7.87 -23.98 26.10
N CYS A 33 -6.80 -23.39 25.55
CA CYS A 33 -6.83 -22.57 24.32
C CYS A 33 -7.81 -21.41 24.28
N VAL A 34 -7.78 -20.58 25.32
CA VAL A 34 -8.44 -19.27 25.24
C VAL A 34 -7.44 -18.18 25.57
N VAL A 35 -7.79 -16.95 25.17
CA VAL A 35 -6.91 -15.80 25.27
C VAL A 35 -7.63 -14.71 26.07
N THR A 36 -7.00 -14.21 27.13
CA THR A 36 -7.58 -13.14 27.99
C THR A 36 -6.91 -11.76 27.85
N LEU A 37 -7.62 -10.80 27.24
CA LEU A 37 -7.13 -9.42 27.20
C LEU A 37 -8.00 -8.52 28.08
N GLY A 38 -7.51 -8.28 29.29
CA GLY A 38 -8.21 -7.49 30.28
C GLY A 38 -8.79 -6.19 29.76
N GLY A 39 -7.96 -5.32 29.18
CA GLY A 39 -8.40 -3.97 28.79
C GLY A 39 -9.69 -3.89 28.00
N LEU A 40 -9.80 -4.78 27.03
CA LEU A 40 -10.93 -4.80 26.14
C LEU A 40 -12.12 -5.45 26.78
N LYS A 41 -11.89 -6.22 27.85
CA LYS A 41 -12.93 -7.04 28.47
C LYS A 41 -14.32 -6.45 28.50
N SER A 42 -14.44 -5.14 28.66
CA SER A 42 -15.77 -4.52 28.65
C SER A 42 -16.17 -3.87 27.31
N TRP A 43 -15.32 -3.99 26.30
CA TRP A 43 -15.62 -3.49 24.95
C TRP A 43 -15.68 -4.55 23.88
N LEU A 44 -15.42 -5.80 24.22
CA LEU A 44 -15.27 -6.81 23.18
C LEU A 44 -16.53 -7.08 22.33
N SER A 45 -17.56 -7.69 22.93
CA SER A 45 -18.78 -7.99 22.21
C SER A 45 -19.25 -6.78 21.39
N THR A 46 -18.75 -5.59 21.76
CA THR A 46 -19.02 -4.35 21.02
C THR A 46 -18.21 -4.34 19.75
N ILE A 47 -16.89 -4.51 19.89
CA ILE A 47 -16.00 -4.62 18.73
C ILE A 47 -16.47 -5.74 17.77
N ARG A 48 -16.99 -6.85 18.31
CA ARG A 48 -17.57 -7.92 17.50
C ARG A 48 -18.68 -7.51 16.54
N ARG A 49 -19.60 -6.67 17.01
CA ARG A 49 -20.83 -6.31 16.26
C ARG A 49 -20.64 -5.05 15.40
N CYS A 50 -19.39 -4.68 15.15
CA CYS A 50 -19.07 -3.37 14.55
C CYS A 50 -18.83 -3.42 13.05
N ARG A 51 -19.10 -2.28 12.39
CA ARG A 51 -18.99 -2.15 10.93
C ARG A 51 -17.61 -2.59 10.40
N ARG A 52 -16.56 -1.91 10.82
CA ARG A 52 -15.24 -2.21 10.33
C ARG A 52 -14.18 -1.78 11.33
N ILE A 53 -12.94 -2.14 11.03
CA ILE A 53 -11.80 -1.77 11.85
C ILE A 53 -10.78 -1.05 11.00
N ILE A 54 -10.50 0.19 11.39
CA ILE A 54 -9.38 0.91 10.83
C ILE A 54 -8.21 0.85 11.82
N MET A 55 -7.09 0.31 11.34
CA MET A 55 -5.87 0.33 12.12
C MET A 55 -5.07 1.53 11.68
N ILE A 56 -4.66 2.36 12.64
CA ILE A 56 -3.92 3.58 12.34
C ILE A 56 -2.56 3.54 13.02
N ALA A 57 -1.51 3.77 12.23
CA ALA A 57 -0.14 3.53 12.71
C ALA A 57 0.95 4.26 11.94
N CYS A 58 2.18 4.14 12.43
CA CYS A 58 3.37 4.73 11.82
C CYS A 58 4.47 3.73 11.68
N GLY A 59 5.54 4.13 10.99
CA GLY A 59 6.65 3.25 10.69
C GLY A 59 6.38 1.76 10.86
N THR A 60 7.07 1.17 11.82
CA THR A 60 7.02 -0.25 12.10
C THR A 60 5.63 -0.72 12.57
N SER A 61 5.01 0.07 13.43
CA SER A 61 3.64 -0.17 13.89
C SER A 61 2.65 -0.37 12.75
N TYR A 62 2.89 0.30 11.63
CA TYR A 62 2.08 0.13 10.42
C TYR A 62 2.23 -1.26 9.86
N HIS A 63 3.44 -1.78 9.98
CA HIS A 63 3.73 -3.08 9.44
C HIS A 63 3.19 -4.21 10.31
N SER A 64 3.21 -4.06 11.63
CA SER A 64 2.59 -5.09 12.46
C SER A 64 1.13 -5.21 12.06
N CYS A 65 0.51 -4.06 11.82
CA CYS A 65 -0.89 -4.01 11.42
C CYS A 65 -1.08 -4.68 10.07
N LEU A 66 -0.17 -4.44 9.14
CA LEU A 66 -0.26 -5.11 7.85
C LEU A 66 -0.19 -6.62 8.03
N ALA A 67 0.84 -7.12 8.71
CA ALA A 67 1.08 -8.57 8.88
C ALA A 67 -0.11 -9.34 9.49
N THR A 68 -0.89 -8.63 10.29
CA THR A 68 -2.03 -9.22 11.01
C THR A 68 -3.37 -9.03 10.27
N ARG A 69 -3.44 -7.99 9.44
CA ARG A 69 -4.60 -7.62 8.62
C ARG A 69 -5.28 -8.80 7.95
N SER A 70 -4.48 -9.62 7.28
CA SER A 70 -4.97 -10.86 6.66
C SER A 70 -5.73 -11.71 7.66
N ILE A 71 -5.15 -11.81 8.86
CA ILE A 71 -5.61 -12.76 9.85
C ILE A 71 -6.77 -12.25 10.72
N PHE A 72 -6.77 -10.96 11.05
CA PHE A 72 -7.96 -10.38 11.67
C PHE A 72 -9.23 -10.74 10.89
N GLU A 73 -9.24 -10.34 9.62
CA GLU A 73 -10.31 -10.65 8.66
C GLU A 73 -10.71 -12.11 8.78
N GLU A 74 -9.73 -12.98 8.53
CA GLU A 74 -9.97 -14.40 8.57
C GLU A 74 -10.76 -14.84 9.82
N LEU A 75 -10.29 -14.40 10.97
CA LEU A 75 -10.81 -14.83 12.25
C LEU A 75 -12.17 -14.23 12.57
N THR A 76 -12.30 -12.93 12.30
CA THR A 76 -13.40 -12.13 12.79
C THR A 76 -14.45 -11.87 11.72
N GLU A 77 -13.99 -11.84 10.47
CA GLU A 77 -14.79 -11.44 9.30
C GLU A 77 -15.27 -10.00 9.37
N ILE A 78 -14.71 -9.23 10.30
CA ILE A 78 -14.93 -7.82 10.23
C ILE A 78 -14.00 -7.34 9.14
N PRO A 79 -14.51 -6.43 8.28
CA PRO A 79 -13.70 -5.64 7.36
C PRO A 79 -12.59 -4.92 8.11
N VAL A 80 -11.34 -5.12 7.68
CA VAL A 80 -10.20 -4.49 8.32
C VAL A 80 -9.44 -3.62 7.32
N SER A 81 -9.30 -2.34 7.63
CA SER A 81 -8.43 -1.48 6.84
C SER A 81 -7.23 -0.99 7.66
N VAL A 82 -6.06 -1.07 7.04
CA VAL A 82 -4.86 -0.63 7.69
C VAL A 82 -4.60 0.71 7.08
N GLU A 83 -4.24 1.68 7.92
CA GLU A 83 -4.07 3.03 7.48
C GLU A 83 -2.80 3.60 8.05
N LEU A 84 -2.22 4.52 7.31
CA LEU A 84 -1.07 5.25 7.78
C LEU A 84 -1.55 6.50 8.49
N ALA A 85 -1.15 6.61 9.75
CA ALA A 85 -1.48 7.76 10.57
C ALA A 85 -1.41 9.08 9.79
N SER A 86 -0.23 9.40 9.27
CA SER A 86 0.00 10.69 8.62
C SER A 86 -0.99 10.88 7.50
N ASP A 87 -1.10 9.85 6.66
CA ASP A 87 -1.88 9.90 5.45
C ASP A 87 -3.39 9.98 5.68
N PHE A 88 -3.90 8.99 6.39
CA PHE A 88 -5.29 8.97 6.82
C PHE A 88 -5.79 10.37 7.17
N LEU A 89 -4.98 11.09 7.94
CA LEU A 89 -5.33 12.44 8.34
C LEU A 89 -5.49 13.37 7.16
N ASP A 90 -4.49 13.37 6.28
CA ASP A 90 -4.48 14.24 5.12
C ASP A 90 -5.74 14.05 4.26
N ARG A 91 -6.29 12.83 4.26
CA ARG A 91 -7.49 12.53 3.49
C ARG A 91 -8.80 13.01 4.08
N ARG A 92 -8.85 13.17 5.41
CA ARG A 92 -10.08 13.46 6.17
C ARG A 92 -11.13 12.39 5.91
N SER A 93 -10.75 11.14 6.13
CA SER A 93 -11.66 10.02 5.93
C SER A 93 -12.84 10.10 6.88
N PRO A 94 -14.07 9.88 6.36
CA PRO A 94 -15.24 10.00 7.24
C PRO A 94 -15.33 8.82 8.21
N VAL A 95 -15.49 9.09 9.50
CA VAL A 95 -15.47 8.03 10.47
C VAL A 95 -16.68 8.14 11.37
N PHE A 96 -17.17 7.01 11.87
CA PHE A 96 -18.48 6.94 12.54
C PHE A 96 -18.52 6.16 13.86
N ARG A 97 -19.68 6.19 14.52
CA ARG A 97 -19.89 5.54 15.82
C ARG A 97 -19.62 4.05 15.75
N ASP A 98 -20.17 3.42 14.73
CA ASP A 98 -20.05 1.97 14.48
C ASP A 98 -18.60 1.54 14.28
N ASP A 99 -17.73 2.49 13.92
CA ASP A 99 -16.32 2.25 13.66
C ASP A 99 -15.54 1.87 14.92
N THR A 100 -14.52 1.04 14.70
CA THR A 100 -13.56 0.64 15.70
C THR A 100 -12.20 0.90 15.14
N CYS A 101 -11.46 1.74 15.84
CA CYS A 101 -10.20 2.24 15.38
C CYS A 101 -9.12 1.82 16.31
N VAL A 102 -8.42 0.78 15.91
CA VAL A 102 -7.28 0.28 16.63
C VAL A 102 -6.10 1.20 16.36
N PHE A 103 -5.55 1.79 17.41
CA PHE A 103 -4.34 2.58 17.27
C PHE A 103 -3.16 1.77 17.77
N VAL A 104 -2.14 1.57 16.94
CA VAL A 104 -1.03 0.76 17.40
C VAL A 104 0.24 1.55 17.58
N SER A 105 0.75 1.56 18.81
CA SER A 105 1.98 2.26 19.10
C SER A 105 2.91 1.46 20.03
N GLN A 106 4.22 1.52 19.78
CA GLN A 106 5.18 1.08 20.76
C GLN A 106 5.22 2.18 21.82
N SER A 107 5.40 3.43 21.36
CA SER A 107 5.59 4.60 22.23
C SER A 107 4.31 5.14 22.86
N GLY A 108 3.31 5.40 22.04
CA GLY A 108 2.07 5.97 22.55
C GLY A 108 2.02 7.47 22.40
N GLU A 109 3.14 8.07 22.02
CA GLU A 109 3.21 9.52 21.89
C GLU A 109 3.52 9.99 20.47
N THR A 110 3.40 9.13 19.46
CA THR A 110 3.70 9.54 18.08
C THR A 110 2.71 10.60 17.66
N ALA A 111 3.23 11.75 17.19
CA ALA A 111 2.43 12.94 16.97
C ALA A 111 1.21 12.77 16.04
N ASP A 112 1.46 12.17 14.88
CA ASP A 112 0.43 12.02 13.84
C ASP A 112 -0.58 10.97 14.28
N SER A 113 -0.11 9.92 14.95
CA SER A 113 -0.98 8.91 15.55
C SER A 113 -2.01 9.55 16.43
N ILE A 114 -1.57 10.57 17.17
CA ILE A 114 -2.39 11.23 18.18
C ILE A 114 -3.52 12.05 17.56
N LEU A 115 -3.16 12.92 16.61
CA LEU A 115 -4.12 13.78 15.93
C LEU A 115 -5.23 12.96 15.31
N ALA A 116 -4.87 11.75 14.87
CA ALA A 116 -5.80 10.78 14.33
C ALA A 116 -6.66 10.20 15.43
N LEU A 117 -6.08 9.93 16.60
CA LEU A 117 -6.83 9.43 17.72
C LEU A 117 -7.82 10.49 18.17
N GLN A 118 -7.40 11.73 18.08
CA GLN A 118 -8.25 12.84 18.44
C GLN A 118 -9.35 12.97 17.43
N TYR A 119 -8.94 13.06 16.16
CA TYR A 119 -9.82 13.07 14.98
C TYR A 119 -10.93 12.03 15.03
N CYS A 120 -10.55 10.77 15.25
CA CYS A 120 -11.48 9.68 15.36
C CYS A 120 -12.30 9.85 16.58
N LEU A 121 -11.71 10.45 17.60
CA LEU A 121 -12.45 10.67 18.83
C LEU A 121 -13.47 11.76 18.61
N GLU A 122 -13.02 12.86 18.02
CA GLU A 122 -13.87 14.00 17.66
C GLU A 122 -15.17 13.57 16.95
N ARG A 123 -15.03 12.56 16.09
CA ARG A 123 -16.10 12.04 15.23
C ARG A 123 -16.91 10.81 15.74
N GLY A 124 -16.79 10.45 17.02
CA GLY A 124 -17.68 9.45 17.62
C GLY A 124 -17.22 8.01 17.64
N ALA A 125 -16.14 7.71 16.91
CA ALA A 125 -15.65 6.33 16.76
C ALA A 125 -15.14 5.77 18.06
N LEU A 126 -15.23 4.44 18.16
CA LEU A 126 -14.69 3.68 19.27
C LEU A 126 -13.20 3.63 19.07
N THR A 127 -12.42 3.90 20.11
CA THR A 127 -10.98 4.00 19.94
C THR A 127 -10.26 2.95 20.78
N VAL A 128 -9.35 2.17 20.17
CA VAL A 128 -8.58 1.16 20.91
C VAL A 128 -7.11 1.50 20.85
N GLY A 129 -6.42 1.31 21.96
CA GLY A 129 -4.98 1.60 22.06
C GLY A 129 -4.06 0.44 22.37
N ILE A 130 -3.35 -0.03 21.36
CA ILE A 130 -2.39 -1.11 21.53
C ILE A 130 -0.96 -0.53 21.69
N VAL A 131 -0.49 -0.44 22.93
CA VAL A 131 0.80 0.22 23.20
C VAL A 131 1.74 -0.64 24.02
N ASN A 132 3.03 -0.34 23.99
CA ASN A 132 3.94 -0.90 25.00
C ASN A 132 4.09 0.01 26.21
N SER A 133 4.45 1.26 25.92
CA SER A 133 4.64 2.30 26.92
C SER A 133 3.50 2.52 27.92
N VAL A 134 3.96 2.82 29.14
CA VAL A 134 3.12 3.16 30.28
C VAL A 134 2.85 4.68 30.37
N GLY A 135 1.58 5.07 30.51
CA GLY A 135 1.22 6.47 30.74
C GLY A 135 1.17 7.34 29.49
N SER A 136 1.70 6.81 28.40
CA SER A 136 1.54 7.32 27.04
C SER A 136 0.25 8.10 26.86
N SER A 137 0.34 9.24 26.18
CA SER A 137 -0.82 10.07 25.86
C SER A 137 -1.98 9.23 25.35
N MET A 138 -1.66 8.32 24.43
CA MET A 138 -2.60 7.39 23.86
C MET A 138 -3.45 6.74 24.96
N SER A 139 -2.82 5.85 25.72
CA SER A 139 -3.53 4.97 26.66
C SER A 139 -4.47 5.70 27.59
N ARG A 140 -4.23 6.99 27.79
CA ARG A 140 -5.16 7.84 28.51
C ARG A 140 -6.44 7.97 27.71
N GLN A 141 -6.31 8.63 26.56
CA GLN A 141 -7.44 9.03 25.73
C GLN A 141 -8.15 7.95 24.91
N THR A 142 -7.50 6.79 24.70
CA THR A 142 -8.16 5.65 24.03
C THR A 142 -9.28 5.12 24.92
N HIS A 143 -10.40 4.71 24.29
CA HIS A 143 -11.55 4.16 25.00
C HIS A 143 -11.06 3.01 25.84
N CYS A 144 -10.28 2.14 25.22
CA CYS A 144 -9.70 0.98 25.88
C CYS A 144 -8.40 0.62 25.20
N GLY A 145 -7.90 -0.58 25.46
CA GLY A 145 -6.70 -1.04 24.80
C GLY A 145 -5.82 -1.97 25.59
N VAL A 146 -4.68 -2.32 25.01
CA VAL A 146 -3.75 -3.29 25.58
C VAL A 146 -2.29 -2.80 25.62
N HIS A 147 -1.54 -3.34 26.56
CA HIS A 147 -0.11 -3.14 26.53
C HIS A 147 0.56 -4.41 26.06
N ILE A 148 1.16 -4.36 24.88
CA ILE A 148 1.97 -5.49 24.40
C ILE A 148 2.86 -5.95 25.55
N ASN A 149 3.35 -4.98 26.32
CA ASN A 149 3.99 -5.21 27.60
C ASN A 149 5.22 -6.09 27.40
N ALA A 150 6.18 -5.51 26.69
CA ALA A 150 7.32 -6.24 26.16
C ALA A 150 8.58 -5.73 26.79
N GLY A 151 8.49 -4.55 27.42
CA GLY A 151 9.61 -3.94 28.13
C GLY A 151 9.93 -2.52 27.67
N PRO A 152 11.04 -1.97 28.16
CA PRO A 152 11.56 -0.68 27.75
C PRO A 152 12.61 -0.78 26.63
N GLU A 153 12.25 -0.24 25.48
CA GLU A 153 13.07 -0.33 24.28
C GLU A 153 14.12 0.77 24.20
N ILE A 154 15.39 0.37 24.28
CA ILE A 154 16.50 1.34 24.31
C ILE A 154 17.28 1.50 22.99
N GLY A 155 17.06 0.59 22.05
CA GLY A 155 17.58 0.71 20.68
C GLY A 155 16.80 1.74 19.87
N VAL A 156 17.46 2.29 18.84
CA VAL A 156 16.96 3.45 18.08
C VAL A 156 15.77 3.17 17.14
N ALA A 157 15.40 1.90 16.97
CA ALA A 157 14.23 1.51 16.16
C ALA A 157 13.53 0.27 16.70
N SER A 158 12.29 0.03 16.27
CA SER A 158 11.46 -1.05 16.84
C SER A 158 11.77 -2.48 16.36
N THR A 159 12.58 -3.18 17.16
CA THR A 159 12.88 -4.60 16.90
C THR A 159 11.85 -5.47 17.62
N LYS A 160 12.12 -5.73 18.90
CA LYS A 160 11.24 -6.52 19.75
C LYS A 160 9.80 -6.06 19.69
N ALA A 161 9.62 -4.75 19.59
CA ALA A 161 8.32 -4.11 19.72
C ALA A 161 7.42 -4.60 18.61
N TYR A 162 7.95 -4.51 17.40
CA TYR A 162 7.29 -5.03 16.23
C TYR A 162 6.67 -6.38 16.56
N THR A 163 7.54 -7.36 16.76
CA THR A 163 7.14 -8.73 17.00
C THR A 163 6.08 -8.89 18.11
N SER A 164 6.26 -8.16 19.21
CA SER A 164 5.31 -8.17 20.32
C SER A 164 4.00 -7.57 19.88
N GLN A 165 4.05 -6.39 19.28
CA GLN A 165 2.88 -5.73 18.71
C GLN A 165 2.10 -6.75 17.91
N TYR A 166 2.76 -7.26 16.89
CA TYR A 166 2.31 -8.40 16.14
C TYR A 166 1.57 -9.34 17.09
N ILE A 167 2.32 -10.06 17.90
CA ILE A 167 1.72 -11.01 18.84
C ILE A 167 0.43 -10.41 19.42
N ALA A 168 0.54 -9.17 19.90
CA ALA A 168 -0.58 -8.48 20.48
C ALA A 168 -1.71 -8.58 19.52
N LEU A 169 -1.57 -7.88 18.40
CA LEU A 169 -2.63 -7.83 17.41
C LEU A 169 -3.30 -9.19 17.16
N VAL A 170 -2.49 -10.24 17.16
CA VAL A 170 -2.99 -11.58 16.90
C VAL A 170 -3.88 -12.06 18.01
N MET A 171 -3.44 -11.87 19.24
CA MET A 171 -4.28 -12.19 20.40
C MET A 171 -5.50 -11.30 20.38
N PHE A 172 -5.35 -10.13 19.78
CA PHE A 172 -6.50 -9.29 19.63
C PHE A 172 -7.45 -10.02 18.72
N ALA A 173 -6.93 -10.46 17.57
CA ALA A 173 -7.71 -11.16 16.57
C ALA A 173 -8.27 -12.45 17.11
N LEU A 174 -7.57 -13.11 18.03
CA LEU A 174 -8.09 -14.37 18.60
C LEU A 174 -9.26 -14.09 19.56
N SER A 175 -9.05 -13.14 20.48
CA SER A 175 -10.10 -12.69 21.40
C SER A 175 -11.44 -12.48 20.69
N LEU A 176 -11.41 -11.72 19.60
CA LEU A 176 -12.64 -11.40 18.90
C LEU A 176 -13.33 -12.63 18.33
N SER A 177 -12.56 -13.62 17.94
CA SER A 177 -13.12 -14.77 17.25
C SER A 177 -13.27 -16.00 18.15
N ASN A 178 -13.18 -15.76 19.45
CA ASN A 178 -13.23 -16.85 20.41
C ASN A 178 -14.57 -17.58 20.49
N ASP A 179 -15.67 -16.94 20.05
CA ASP A 179 -16.98 -17.58 20.14
C ASP A 179 -17.44 -18.37 18.90
N SER A 180 -16.48 -18.72 18.04
CA SER A 180 -16.76 -19.44 16.80
C SER A 180 -16.33 -20.90 16.89
N ILE A 181 -17.26 -21.83 16.71
CA ILE A 181 -16.95 -23.25 16.86
C ILE A 181 -16.27 -23.82 15.63
N SER A 182 -16.58 -23.26 14.46
CA SER A 182 -15.91 -23.69 13.24
C SER A 182 -14.51 -23.04 13.08
N ARG A 183 -14.04 -22.39 14.15
CA ARG A 183 -12.72 -21.81 14.15
C ARG A 183 -11.81 -22.43 15.22
N LYS A 184 -12.40 -23.01 16.26
CA LYS A 184 -11.62 -23.57 17.35
C LYS A 184 -10.44 -24.38 16.82
N GLY A 185 -10.64 -25.12 15.73
CA GLY A 185 -9.57 -25.82 15.04
C GLY A 185 -8.35 -24.96 14.77
N ARG A 186 -8.54 -23.90 13.98
CA ARG A 186 -7.43 -23.01 13.59
C ARG A 186 -7.04 -22.05 14.72
N HIS A 187 -7.89 -21.99 15.73
CA HIS A 187 -7.64 -21.20 16.90
C HIS A 187 -6.53 -21.92 17.68
N GLU A 188 -6.82 -23.18 18.00
CA GLU A 188 -5.92 -24.06 18.74
C GLU A 188 -4.70 -24.38 17.90
N GLU A 189 -4.87 -24.35 16.58
CA GLU A 189 -3.74 -24.35 15.68
C GLU A 189 -2.84 -23.15 16.04
N ILE A 190 -3.40 -21.94 16.06
CA ILE A 190 -2.60 -20.70 16.24
C ILE A 190 -2.05 -20.52 17.65
N ILE A 191 -2.87 -20.82 18.65
CA ILE A 191 -2.49 -20.56 20.03
C ILE A 191 -1.33 -21.46 20.42
N LYS A 192 -1.42 -22.75 20.09
CA LYS A 192 -0.31 -23.70 20.33
C LYS A 192 1.00 -23.29 19.65
N GLY A 193 0.95 -23.03 18.35
CA GLY A 193 2.12 -22.57 17.63
C GLY A 193 2.66 -21.28 18.19
N LEU A 194 1.80 -20.52 18.87
CA LEU A 194 2.23 -19.33 19.56
C LEU A 194 3.17 -19.70 20.68
N GLN A 195 2.81 -20.73 21.43
CA GLN A 195 3.59 -21.22 22.58
C GLN A 195 4.97 -21.68 22.14
N LYS A 196 5.06 -22.18 20.91
CA LYS A 196 6.33 -22.64 20.36
C LYS A 196 7.22 -21.45 19.94
N ILE A 197 6.63 -20.28 19.68
CA ILE A 197 7.34 -19.13 19.11
C ILE A 197 8.68 -18.83 19.75
N PRO A 198 8.73 -18.54 21.06
CA PRO A 198 9.99 -18.05 21.65
C PRO A 198 11.19 -18.93 21.40
N GLU A 199 11.09 -20.24 21.61
CA GLU A 199 12.25 -21.12 21.34
C GLU A 199 12.65 -21.02 19.87
N GLN A 200 11.65 -20.96 19.00
CA GLN A 200 11.87 -20.93 17.56
C GLN A 200 12.62 -19.67 17.18
N ILE A 201 12.39 -18.61 17.92
CA ILE A 201 13.17 -17.40 17.79
C ILE A 201 14.63 -17.74 17.99
N LYS A 202 14.89 -18.60 18.97
CA LYS A 202 16.27 -18.97 19.31
C LYS A 202 17.04 -19.66 18.21
N GLN A 203 16.39 -20.51 17.40
CA GLN A 203 17.08 -21.13 16.28
C GLN A 203 17.42 -20.14 15.20
N VAL A 204 16.68 -19.03 15.18
CA VAL A 204 16.91 -18.00 14.20
C VAL A 204 18.01 -17.09 14.70
N LEU A 205 18.08 -16.91 16.01
CA LEU A 205 19.15 -16.09 16.56
C LEU A 205 20.48 -16.80 16.44
N LYS A 206 20.44 -18.13 16.42
CA LYS A 206 21.65 -18.87 16.14
C LYS A 206 22.15 -18.53 14.75
N LEU A 207 21.20 -18.24 13.86
CA LEU A 207 21.52 -17.85 12.50
C LEU A 207 22.25 -16.55 12.45
N GLU A 208 22.74 -16.06 13.59
CA GLU A 208 23.42 -14.79 13.60
C GLU A 208 24.76 -14.86 12.87
N ASN A 209 25.49 -15.96 13.06
CA ASN A 209 26.81 -16.11 12.45
C ASN A 209 26.77 -15.98 10.93
N LYS A 210 26.02 -16.88 10.28
CA LYS A 210 25.83 -16.86 8.82
C LYS A 210 25.57 -15.44 8.34
N ILE A 211 24.58 -14.78 8.95
CA ILE A 211 24.20 -13.39 8.66
C ILE A 211 25.40 -12.43 8.69
N LYS A 212 26.27 -12.59 9.68
CA LYS A 212 27.50 -11.78 9.78
C LYS A 212 28.31 -11.84 8.49
N ASP A 213 28.70 -13.06 8.12
CA ASP A 213 29.49 -13.34 6.90
C ASP A 213 28.86 -12.80 5.61
N LEU A 214 27.54 -12.81 5.56
CA LEU A 214 26.84 -12.31 4.42
C LEU A 214 27.23 -10.85 4.17
N CYS A 215 27.36 -10.08 5.25
CA CYS A 215 27.61 -8.64 5.20
C CYS A 215 28.93 -8.21 4.54
N ASN A 216 29.82 -9.19 4.31
CA ASN A 216 31.10 -8.98 3.65
C ASN A 216 31.00 -9.15 2.13
N SER A 217 30.01 -9.92 1.71
CA SER A 217 29.53 -9.93 0.31
C SER A 217 28.32 -8.98 0.10
N SER A 218 28.19 -7.93 0.92
CA SER A 218 27.22 -6.84 0.76
C SER A 218 27.39 -5.74 1.81
N GLN A 222 28.65 -1.37 -0.77
CA GLN A 222 27.26 -1.62 -1.13
C GLN A 222 26.37 -0.37 -1.07
N LYS A 223 25.22 -0.40 -1.77
CA LYS A 223 24.41 0.82 -2.01
C LYS A 223 22.88 0.74 -1.87
N SER A 224 22.25 -0.33 -2.37
CA SER A 224 20.77 -0.51 -2.30
C SER A 224 20.32 -1.97 -2.42
N LEU A 225 19.30 -2.33 -1.63
CA LEU A 225 18.88 -3.75 -1.41
C LEU A 225 17.40 -4.06 -1.72
N LEU A 226 17.15 -5.10 -2.51
CA LEU A 226 15.78 -5.51 -2.79
C LEU A 226 15.29 -6.69 -1.97
N LEU A 227 14.31 -6.42 -1.11
CA LEU A 227 13.61 -7.48 -0.41
C LEU A 227 12.41 -7.90 -1.25
N LEU A 228 12.09 -9.18 -1.26
CA LEU A 228 11.01 -9.68 -2.10
C LEU A 228 10.02 -10.59 -1.38
N GLY A 229 8.77 -10.19 -1.42
CA GLY A 229 7.72 -10.87 -0.68
C GLY A 229 6.34 -10.73 -1.29
N ARG A 230 5.47 -11.66 -0.91
CA ARG A 230 4.11 -11.76 -1.40
C ARG A 230 3.40 -12.58 -0.35
N GLY A 231 2.09 -12.44 -0.24
CA GLY A 231 1.34 -13.19 0.76
C GLY A 231 1.62 -12.72 2.19
N TYR A 232 1.53 -13.63 3.15
CA TYR A 232 1.84 -13.30 4.54
C TYR A 232 3.13 -12.48 4.67
N GLN A 233 4.18 -12.89 3.98
CA GLN A 233 5.48 -12.26 4.11
C GLN A 233 5.59 -10.98 3.35
N PHE A 234 4.49 -10.41 2.90
CA PHE A 234 4.66 -9.13 2.27
C PHE A 234 4.81 -7.94 3.25
N ALA A 235 4.44 -8.12 4.53
CA ALA A 235 4.70 -7.09 5.56
C ALA A 235 6.18 -7.07 5.94
N THR A 236 6.73 -8.27 6.17
CA THR A 236 8.13 -8.47 6.53
C THR A 236 9.04 -7.85 5.50
N ALA A 237 8.66 -7.94 4.23
CA ALA A 237 9.35 -7.26 3.14
C ALA A 237 9.52 -5.77 3.40
N LEU A 238 8.43 -5.04 3.59
CA LEU A 238 8.48 -3.59 3.84
C LEU A 238 9.07 -3.24 5.21
N GLU A 239 9.06 -4.23 6.10
CA GLU A 239 9.66 -4.12 7.41
C GLU A 239 11.18 -4.10 7.38
N GLY A 240 11.77 -5.17 6.84
CA GLY A 240 13.21 -5.22 6.51
C GLY A 240 13.61 -4.03 5.68
N ALA A 241 12.84 -3.72 4.64
CA ALA A 241 13.02 -2.48 3.86
C ALA A 241 13.16 -1.29 4.78
N LEU A 242 12.36 -1.22 5.81
CA LEU A 242 12.44 -0.11 6.75
C LEU A 242 13.65 -0.23 7.67
N LYS A 243 13.84 -1.41 8.26
CA LYS A 243 15.00 -1.62 9.11
C LYS A 243 16.24 -1.19 8.34
N ILE A 244 16.45 -1.79 7.17
CA ILE A 244 17.60 -1.48 6.32
C ILE A 244 17.66 0.00 6.09
N LYS A 245 16.54 0.56 5.65
CA LYS A 245 16.44 1.99 5.40
C LYS A 245 16.84 2.81 6.64
N GLU A 246 16.25 2.55 7.81
CA GLU A 246 16.53 3.37 8.99
C GLU A 246 17.86 3.03 9.63
N ILE A 247 17.96 1.80 10.13
CA ILE A 247 19.13 1.32 10.86
C ILE A 247 20.42 1.34 10.05
N SER A 248 20.54 0.43 9.09
CA SER A 248 21.80 0.24 8.35
C SER A 248 22.10 1.39 7.39
N TYR A 249 21.18 2.35 7.27
CA TYR A 249 21.40 3.53 6.44
C TYR A 249 21.89 3.18 5.02
N MET A 250 21.34 2.10 4.47
CA MET A 250 21.43 1.76 3.05
C MET A 250 20.12 2.24 2.39
N HIS A 251 19.86 1.86 1.15
CA HIS A 251 18.48 1.95 0.71
C HIS A 251 17.88 0.58 0.48
N SER A 252 16.62 0.45 0.82
CA SER A 252 15.92 -0.76 0.52
C SER A 252 14.50 -0.49 0.07
N GLU A 253 13.84 -1.56 -0.37
CA GLU A 253 12.47 -1.49 -0.80
C GLU A 253 12.04 -2.94 -0.86
N GLY A 254 10.93 -3.24 -0.22
CA GLY A 254 10.30 -4.53 -0.42
C GLY A 254 9.32 -4.38 -1.56
N VAL A 255 9.24 -5.38 -2.43
CA VAL A 255 8.18 -5.37 -3.43
C VAL A 255 7.36 -6.63 -3.44
N LEU A 256 6.11 -6.47 -3.83
CA LEU A 256 5.24 -7.59 -4.04
C LEU A 256 5.87 -8.37 -5.18
N ALA A 257 6.08 -9.66 -4.97
CA ALA A 257 6.80 -10.52 -5.93
C ALA A 257 5.98 -10.90 -7.17
N GLY A 258 6.66 -11.07 -8.29
CA GLY A 258 6.01 -11.43 -9.56
C GLY A 258 5.11 -10.35 -10.13
N GLU A 259 5.39 -9.08 -9.77
CA GLU A 259 4.61 -7.93 -10.25
C GLU A 259 4.86 -7.56 -11.70
N LEU A 260 6.13 -7.64 -12.13
CA LEU A 260 6.53 -7.28 -13.49
C LEU A 260 7.73 -8.13 -13.98
N GLU A 270 21.41 -3.07 -11.70
CA GLU A 270 21.60 -4.30 -12.47
C GLU A 270 21.75 -5.54 -11.55
N ASP A 271 22.85 -5.57 -10.77
CA ASP A 271 23.21 -6.76 -9.96
C ASP A 271 23.56 -6.43 -8.50
N LEU A 272 22.52 -6.48 -7.67
CA LEU A 272 22.57 -6.13 -6.27
C LEU A 272 22.01 -7.29 -5.42
N PRO A 273 22.05 -7.18 -4.07
CA PRO A 273 21.40 -8.19 -3.20
C PRO A 273 19.86 -8.35 -3.35
N ILE A 274 19.38 -9.58 -3.14
CA ILE A 274 17.95 -9.87 -3.14
C ILE A 274 17.60 -10.78 -1.97
N ILE A 275 16.96 -10.22 -0.96
CA ILE A 275 16.33 -11.06 0.04
C ILE A 275 15.04 -11.59 -0.60
N ALA A 276 14.70 -12.84 -0.30
CA ALA A 276 13.52 -13.47 -0.87
C ALA A 276 12.94 -14.42 0.15
N PHE A 277 11.64 -14.29 0.40
CA PHE A 277 10.95 -15.11 1.41
C PHE A 277 10.20 -16.27 0.79
N ALA A 278 10.75 -17.48 0.89
CA ALA A 278 10.08 -18.66 0.36
C ALA A 278 9.71 -19.68 1.43
N THR A 279 9.22 -19.14 2.55
CA THR A 279 8.55 -19.93 3.58
C THR A 279 7.20 -20.40 3.02
N ARG A 280 6.65 -21.52 3.50
CA ARG A 280 5.53 -22.17 2.80
C ARG A 280 4.14 -21.54 2.91
N ASP A 281 4.03 -20.55 3.80
CA ASP A 281 2.88 -19.65 3.86
C ASP A 281 2.84 -18.74 2.65
N SER A 282 4.02 -18.33 2.19
CA SER A 282 4.15 -17.34 1.15
C SER A 282 4.87 -17.91 -0.04
N LEU A 283 4.56 -19.14 -0.40
CA LEU A 283 5.08 -19.68 -1.63
C LEU A 283 3.98 -19.79 -2.70
N PHE A 284 4.11 -18.95 -3.71
CA PHE A 284 3.19 -18.93 -4.84
C PHE A 284 4.07 -18.99 -6.10
N PRO A 285 3.52 -19.51 -7.22
CA PRO A 285 4.16 -19.45 -8.55
C PRO A 285 4.89 -18.12 -8.85
N LYS A 286 4.26 -16.99 -8.51
CA LYS A 286 4.80 -15.65 -8.82
C LYS A 286 6.01 -15.34 -7.99
N VAL A 287 6.06 -15.90 -6.78
CA VAL A 287 7.28 -15.83 -5.97
C VAL A 287 8.36 -16.68 -6.63
N MET A 288 7.95 -17.69 -7.38
CA MET A 288 8.89 -18.59 -8.03
C MET A 288 9.53 -17.96 -9.26
N SER A 289 8.66 -17.57 -10.21
CA SER A 289 9.06 -16.81 -11.39
C SER A 289 9.95 -15.67 -10.94
N ALA A 290 9.48 -14.92 -9.94
CA ALA A 290 10.26 -13.87 -9.32
C ALA A 290 11.71 -14.31 -9.21
N ILE A 291 11.94 -15.45 -8.57
CA ILE A 291 13.29 -15.97 -8.44
C ILE A 291 13.87 -16.29 -9.81
N GLU A 292 13.26 -17.23 -10.53
CA GLU A 292 13.78 -17.70 -11.82
C GLU A 292 14.58 -16.66 -12.56
N GLN A 293 13.93 -15.54 -12.88
CA GLN A 293 14.48 -14.50 -13.74
C GLN A 293 15.65 -13.78 -13.07
N VAL A 294 15.69 -13.85 -11.76
CA VAL A 294 16.81 -13.29 -11.06
C VAL A 294 17.97 -14.29 -11.08
N THR A 295 17.70 -15.55 -10.73
CA THR A 295 18.70 -16.63 -10.88
C THR A 295 19.09 -16.83 -12.34
N ALA A 296 18.25 -16.38 -13.25
CA ALA A 296 18.55 -16.44 -14.68
C ALA A 296 19.41 -15.25 -15.09
N ARG A 297 19.21 -14.08 -14.48
CA ARG A 297 20.10 -12.97 -14.76
C ARG A 297 21.45 -13.26 -14.08
N ASP A 298 21.60 -14.47 -13.57
CA ASP A 298 22.88 -14.93 -13.02
C ASP A 298 23.35 -14.08 -11.83
N GLY A 299 22.40 -13.62 -11.02
CA GLY A 299 22.69 -12.86 -9.79
C GLY A 299 22.20 -13.60 -8.54
N ARG A 300 22.99 -13.53 -7.46
CA ARG A 300 22.73 -14.34 -6.24
C ARG A 300 21.77 -13.65 -5.27
N PRO A 301 20.59 -14.29 -5.06
CA PRO A 301 19.61 -13.90 -4.06
C PRO A 301 19.95 -14.48 -2.69
N ILE A 302 19.21 -14.07 -1.67
CA ILE A 302 19.32 -14.68 -0.36
C ILE A 302 17.93 -15.18 0.02
N VAL A 303 17.79 -16.48 0.12
CA VAL A 303 16.48 -17.08 0.20
C VAL A 303 16.16 -17.44 1.62
N ILE A 304 15.40 -16.59 2.29
CA ILE A 304 14.90 -16.91 3.63
C ILE A 304 13.84 -17.95 3.42
N CYS A 305 13.94 -19.06 4.14
CA CYS A 305 12.96 -20.14 4.00
C CYS A 305 13.23 -21.28 4.95
N ASN A 306 12.26 -22.18 4.99
CA ASN A 306 12.24 -23.24 6.00
C ASN A 306 13.34 -24.27 5.82
N GLU A 307 13.88 -24.73 6.96
CA GLU A 307 14.91 -25.78 6.96
C GLU A 307 14.46 -26.96 6.11
N GLY A 308 15.24 -27.31 5.10
CA GLY A 308 14.97 -28.46 4.24
C GLY A 308 14.22 -28.16 2.96
N ASP A 309 14.52 -27.01 2.36
CA ASP A 309 13.80 -26.57 1.16
C ASP A 309 14.69 -26.27 -0.05
N ALA A 310 14.47 -27.06 -1.10
CA ALA A 310 15.07 -26.84 -2.40
C ALA A 310 14.27 -25.77 -3.11
N ILE A 311 14.62 -24.52 -2.85
CA ILE A 311 13.91 -23.40 -3.46
C ILE A 311 14.56 -23.02 -4.79
N ILE A 312 15.89 -23.10 -4.82
CA ILE A 312 16.64 -22.97 -6.06
C ILE A 312 17.23 -24.32 -6.41
N SER A 313 17.01 -24.77 -7.65
CA SER A 313 17.72 -25.94 -8.16
C SER A 313 19.19 -25.63 -7.86
N ASN A 314 19.70 -26.30 -6.82
CA ASN A 314 20.86 -25.82 -6.00
C ASN A 314 22.20 -25.54 -6.74
N ASP A 315 22.32 -26.03 -7.96
CA ASP A 315 23.43 -25.73 -8.86
C ASP A 315 23.73 -24.21 -9.04
N LYS A 316 22.72 -23.35 -8.87
CA LYS A 316 22.85 -21.88 -8.94
C LYS A 316 23.37 -21.25 -7.63
N VAL A 317 24.09 -20.13 -7.72
CA VAL A 317 24.67 -19.51 -6.52
C VAL A 317 23.71 -18.56 -5.81
N HIS A 318 23.63 -18.76 -4.51
CA HIS A 318 22.65 -18.14 -3.65
C HIS A 318 22.93 -18.63 -2.25
N THR A 319 22.87 -17.71 -1.29
CA THR A 319 22.88 -18.10 0.12
C THR A 319 21.52 -18.67 0.46
N THR A 320 21.39 -19.26 1.64
CA THR A 320 20.07 -19.65 2.12
C THR A 320 20.00 -19.51 3.63
N LEU A 321 19.18 -18.59 4.11
CA LEU A 321 18.96 -18.50 5.53
C LEU A 321 17.88 -19.48 5.90
N GLU A 322 18.04 -20.13 7.04
CA GLU A 322 17.20 -21.26 7.38
C GLU A 322 16.32 -20.98 8.60
N VAL A 323 15.00 -21.05 8.40
CA VAL A 323 14.03 -20.74 9.47
C VAL A 323 13.06 -21.89 9.78
N PRO A 324 12.77 -22.12 11.08
CA PRO A 324 11.74 -23.06 11.51
C PRO A 324 10.40 -22.84 10.81
N GLU A 325 9.62 -23.89 10.59
CA GLU A 325 8.26 -23.72 10.02
C GLU A 325 7.17 -23.68 11.08
N THR A 326 6.43 -22.57 11.14
CA THR A 326 5.35 -22.44 12.11
C THR A 326 4.00 -22.22 11.38
N VAL A 327 2.93 -21.98 12.16
CA VAL A 327 1.59 -21.57 11.64
C VAL A 327 1.76 -20.33 10.74
N ASP A 328 1.11 -20.35 9.58
CA ASP A 328 1.43 -19.43 8.48
C ASP A 328 1.43 -17.94 8.85
N CYS A 329 0.37 -17.53 9.54
CA CYS A 329 0.17 -16.15 9.98
C CYS A 329 1.14 -15.75 11.07
N LEU A 330 1.81 -16.74 11.66
CA LEU A 330 2.85 -16.49 12.66
C LEU A 330 4.24 -16.39 12.01
N GLN A 331 4.48 -17.16 10.94
CA GLN A 331 5.78 -17.15 10.25
C GLN A 331 6.52 -15.81 10.20
N GLY A 332 5.78 -14.74 9.91
CA GLY A 332 6.36 -13.40 9.80
C GLY A 332 7.25 -12.99 10.96
N LEU A 333 6.81 -13.38 12.16
CA LEU A 333 7.55 -13.18 13.41
C LEU A 333 8.98 -13.76 13.38
N LEU A 334 9.16 -14.84 12.61
CA LEU A 334 10.45 -15.48 12.48
C LEU A 334 11.17 -14.86 11.29
N ASN A 335 10.54 -14.92 10.13
CA ASN A 335 11.15 -14.35 8.95
C ASN A 335 11.73 -12.96 9.17
N VAL A 336 11.22 -12.25 10.14
CA VAL A 336 11.67 -10.89 10.31
C VAL A 336 13.02 -10.80 11.01
N ILE A 337 13.31 -11.73 11.92
CA ILE A 337 14.56 -11.66 12.72
C ILE A 337 15.83 -11.62 11.87
N PRO A 338 15.95 -12.56 10.90
CA PRO A 338 17.14 -12.55 10.09
C PRO A 338 17.36 -11.16 9.47
N LEU A 339 16.25 -10.48 9.18
CA LEU A 339 16.26 -9.17 8.56
C LEU A 339 16.55 -8.06 9.51
N GLN A 340 16.28 -8.27 10.79
CA GLN A 340 16.79 -7.35 11.77
C GLN A 340 18.29 -7.58 11.86
N LEU A 341 18.69 -8.84 12.12
CA LEU A 341 20.10 -9.24 12.18
C LEU A 341 20.91 -8.70 10.99
N ILE A 342 20.36 -8.87 9.79
CA ILE A 342 20.96 -8.23 8.66
C ILE A 342 21.02 -6.73 8.93
N SER A 343 19.88 -6.05 9.03
CA SER A 343 19.88 -4.59 9.08
C SER A 343 20.74 -3.99 10.18
N TYR A 344 21.10 -4.81 11.19
CA TYR A 344 21.97 -4.37 12.29
C TYR A 344 23.43 -4.40 11.90
N TRP A 345 23.91 -5.57 11.48
CA TRP A 345 25.34 -5.74 11.16
C TRP A 345 25.79 -4.83 10.04
N LEU A 346 25.01 -4.72 8.97
CA LEU A 346 25.31 -3.72 7.97
C LEU A 346 25.58 -2.35 8.60
N ALA A 347 24.72 -1.94 9.52
CA ALA A 347 24.90 -0.65 10.21
C ALA A 347 26.17 -0.62 11.05
N VAL A 348 26.49 -1.73 11.70
CA VAL A 348 27.74 -1.86 12.44
C VAL A 348 28.91 -1.71 11.45
N ASN A 349 29.04 -2.67 10.53
CA ASN A 349 30.01 -2.60 9.43
C ASN A 349 30.17 -1.20 8.80
N ARG A 350 29.04 -0.56 8.47
CA ARG A 350 29.04 0.80 7.95
C ARG A 350 29.49 1.82 8.99
N GLY A 351 30.08 1.32 10.08
CA GLY A 351 30.53 2.16 11.17
C GLY A 351 29.42 2.61 12.10
N ILE A 352 28.21 2.83 11.54
CA ILE A 352 27.13 3.60 12.20
C ILE A 352 26.63 3.08 13.56
N ASP A 353 26.60 3.99 14.54
CA ASP A 353 26.10 3.76 15.90
C ASP A 353 24.58 3.48 15.93
N VAL A 354 24.23 2.20 16.08
CA VAL A 354 22.84 1.73 15.93
C VAL A 354 21.92 2.16 17.09
N ASP A 355 22.43 3.08 17.92
CA ASP A 355 21.67 3.69 19.01
C ASP A 355 21.81 5.22 18.92
N PRO B 4 2.08 12.54 -37.43
CA PRO B 4 2.74 13.68 -36.81
C PRO B 4 3.47 13.30 -35.52
N TYR B 5 3.22 12.08 -35.02
CA TYR B 5 3.88 11.54 -33.81
C TYR B 5 4.58 10.23 -34.16
N LYS B 6 5.82 10.04 -33.71
CA LYS B 6 6.56 8.84 -34.13
C LYS B 6 6.20 7.52 -33.40
N HIS B 7 5.35 7.59 -32.36
CA HIS B 7 4.93 6.39 -31.65
C HIS B 7 3.45 6.38 -31.34
N PHE B 8 2.86 5.19 -31.41
CA PHE B 8 1.46 4.96 -31.04
C PHE B 8 1.27 5.18 -29.54
N MET B 9 2.37 5.15 -28.79
CA MET B 9 2.33 5.59 -27.41
C MET B 9 2.27 7.13 -27.40
N GLN B 10 3.06 7.76 -28.26
CA GLN B 10 3.12 9.21 -28.29
C GLN B 10 1.85 9.86 -28.82
N LYS B 11 1.27 9.34 -29.89
CA LYS B 11 -0.01 9.90 -30.35
C LYS B 11 -1.04 9.88 -29.24
N GLU B 12 -1.18 8.75 -28.56
CA GLU B 12 -2.28 8.61 -27.65
C GLU B 12 -2.00 9.13 -26.26
N ILE B 13 -0.80 9.68 -26.07
CA ILE B 13 -0.59 10.59 -24.96
C ILE B 13 -1.21 11.93 -25.34
N PHE B 14 -1.03 12.32 -26.60
CA PHE B 14 -1.62 13.55 -27.09
C PHE B 14 -3.09 13.39 -27.41
N GLU B 15 -3.51 12.15 -27.67
CA GLU B 15 -4.92 11.86 -27.89
C GLU B 15 -5.69 12.36 -26.68
N GLN B 16 -4.97 12.54 -25.57
CA GLN B 16 -5.58 12.68 -24.26
C GLN B 16 -6.60 13.80 -24.00
N PRO B 17 -6.44 14.96 -24.66
CA PRO B 17 -7.56 15.90 -24.67
C PRO B 17 -8.89 15.28 -25.15
N ASP B 18 -8.84 14.52 -26.25
CA ASP B 18 -10.05 13.88 -26.81
C ASP B 18 -10.51 12.67 -26.05
N SER B 19 -9.60 11.74 -25.85
CA SER B 19 -9.88 10.58 -25.06
C SER B 19 -10.54 11.04 -23.75
N ALA B 20 -10.01 12.11 -23.17
CA ALA B 20 -10.58 12.68 -21.95
C ALA B 20 -12.05 13.10 -22.12
N PHE B 21 -12.35 13.90 -23.14
CA PHE B 21 -13.74 14.36 -23.35
C PHE B 21 -14.73 13.26 -23.80
N ASN B 22 -14.26 12.34 -24.65
CA ASN B 22 -15.01 11.14 -25.01
C ASN B 22 -15.44 10.36 -23.81
N THR B 23 -14.57 10.31 -22.81
CA THR B 23 -14.89 9.65 -21.55
C THR B 23 -16.16 10.28 -21.01
N MET B 24 -16.30 11.59 -21.21
CA MET B 24 -17.38 12.36 -20.58
C MET B 24 -18.61 12.61 -21.45
N ARG B 25 -18.41 12.88 -22.74
CA ARG B 25 -19.52 13.25 -23.62
C ARG B 25 -20.87 12.57 -23.30
N GLY B 26 -21.90 13.40 -23.22
CA GLY B 26 -23.27 12.92 -23.06
C GLY B 26 -23.61 12.52 -21.64
N ARG B 27 -22.76 11.69 -21.05
CA ARG B 27 -22.99 11.21 -19.71
C ARG B 27 -22.97 12.36 -18.70
N ILE B 28 -22.00 13.26 -18.84
CA ILE B 28 -21.95 14.44 -17.98
C ILE B 28 -22.67 15.58 -18.61
N ASP B 29 -23.60 16.15 -17.86
CA ASP B 29 -24.32 17.35 -18.28
C ASP B 29 -23.85 18.57 -17.48
N PHE B 30 -23.25 19.51 -18.19
CA PHE B 30 -22.45 20.55 -17.55
C PHE B 30 -23.20 21.80 -17.11
N GLU B 31 -24.50 21.89 -17.39
CA GLU B 31 -25.21 23.18 -17.21
C GLU B 31 -26.12 23.20 -16.02
N ASN B 32 -26.44 22.00 -15.54
CA ASN B 32 -27.31 21.78 -14.38
C ASN B 32 -26.68 20.74 -13.49
N CYS B 33 -25.61 20.16 -14.04
CA CYS B 33 -24.72 19.20 -13.37
C CYS B 33 -25.37 17.86 -13.04
N VAL B 34 -25.68 17.11 -14.08
CA VAL B 34 -26.15 15.78 -13.86
C VAL B 34 -25.22 14.86 -14.64
N VAL B 35 -24.53 13.98 -13.91
CA VAL B 35 -23.78 12.89 -14.49
C VAL B 35 -24.74 11.72 -14.62
N THR B 36 -24.74 11.05 -15.77
CA THR B 36 -25.74 10.01 -16.05
C THR B 36 -25.14 8.75 -16.69
N LEU B 37 -24.87 7.76 -15.83
CA LEU B 37 -24.30 6.48 -16.25
C LEU B 37 -25.41 5.44 -16.34
N GLY B 38 -25.95 5.26 -17.55
CA GLY B 38 -26.99 4.28 -17.80
C GLY B 38 -26.52 2.89 -17.47
N GLY B 39 -25.19 2.71 -17.51
CA GLY B 39 -24.54 1.45 -17.17
C GLY B 39 -24.93 0.90 -15.81
N LEU B 40 -25.50 1.75 -14.97
CA LEU B 40 -25.87 1.35 -13.64
C LEU B 40 -27.15 2.04 -13.23
N LYS B 41 -27.86 2.66 -14.17
CA LYS B 41 -29.16 3.25 -13.84
C LYS B 41 -29.93 2.24 -13.05
N SER B 42 -29.61 0.98 -13.28
CA SER B 42 -30.26 -0.20 -12.68
C SER B 42 -29.77 -0.63 -11.27
N TRP B 43 -28.60 -0.17 -10.82
CA TRP B 43 -28.03 -0.62 -9.54
C TRP B 43 -27.59 0.46 -8.55
N LEU B 44 -27.74 1.74 -8.87
CA LEU B 44 -27.19 2.76 -7.96
C LEU B 44 -27.89 2.75 -6.62
N SER B 45 -29.22 2.88 -6.64
CA SER B 45 -30.06 2.62 -5.48
C SER B 45 -29.36 1.73 -4.45
N THR B 46 -28.97 0.55 -4.92
CA THR B 46 -28.35 -0.48 -4.08
C THR B 46 -26.99 -0.07 -3.54
N ILE B 47 -26.16 0.48 -4.43
CA ILE B 47 -24.80 0.90 -4.08
C ILE B 47 -24.77 2.00 -3.02
N ARG B 48 -25.62 3.03 -3.19
CA ARG B 48 -25.69 4.11 -2.21
C ARG B 48 -25.87 3.57 -0.81
N ARG B 49 -26.54 2.42 -0.69
CA ARG B 49 -26.98 1.85 0.59
C ARG B 49 -26.14 0.65 1.00
N CYS B 50 -24.98 0.48 0.38
CA CYS B 50 -24.23 -0.77 0.54
C CYS B 50 -23.14 -0.65 1.62
N ARG B 51 -22.78 -1.79 2.21
CA ARG B 51 -21.76 -1.90 3.30
C ARG B 51 -20.46 -1.14 2.99
N ARG B 52 -19.67 -1.74 2.12
CA ARG B 52 -18.42 -1.16 1.71
C ARG B 52 -18.27 -1.30 0.20
N ILE B 53 -17.41 -0.45 -0.38
CA ILE B 53 -17.03 -0.60 -1.79
C ILE B 53 -15.56 -0.98 -1.84
N ILE B 54 -15.29 -2.08 -2.53
CA ILE B 54 -13.95 -2.61 -2.64
C ILE B 54 -13.48 -2.46 -4.08
N MET B 55 -12.31 -1.83 -4.24
CA MET B 55 -11.67 -1.67 -5.57
C MET B 55 -10.56 -2.66 -5.86
N ILE B 56 -10.79 -3.48 -6.87
CA ILE B 56 -9.89 -4.56 -7.28
C ILE B 56 -9.37 -4.21 -8.66
N ALA B 57 -8.07 -3.95 -8.77
CA ALA B 57 -7.51 -3.51 -10.05
C ALA B 57 -6.04 -3.86 -10.18
N CYS B 58 -5.48 -3.60 -11.37
CA CYS B 58 -4.07 -3.91 -11.68
C CYS B 58 -3.29 -2.83 -12.41
N GLY B 59 -1.96 -2.94 -12.34
CA GLY B 59 -1.12 -1.95 -12.95
C GLY B 59 -1.73 -0.58 -12.80
N THR B 60 -1.76 0.15 -13.90
CA THR B 60 -2.36 1.48 -13.89
C THR B 60 -3.76 1.55 -13.27
N SER B 61 -4.59 0.56 -13.54
CA SER B 61 -5.95 0.58 -13.03
C SER B 61 -5.98 0.67 -11.53
N TYR B 62 -4.99 0.08 -10.87
CA TYR B 62 -4.86 0.17 -9.42
C TYR B 62 -4.61 1.62 -8.99
N HIS B 63 -3.82 2.33 -9.77
CA HIS B 63 -3.47 3.69 -9.43
C HIS B 63 -4.62 4.66 -9.65
N SER B 64 -5.46 4.40 -10.65
CA SER B 64 -6.66 5.21 -10.79
C SER B 64 -7.55 5.09 -9.54
N CYS B 65 -7.56 3.89 -8.93
CA CYS B 65 -8.38 3.65 -7.75
C CYS B 65 -7.88 4.45 -6.56
N LEU B 66 -6.57 4.39 -6.33
CA LEU B 66 -5.96 5.21 -5.32
C LEU B 66 -6.38 6.65 -5.56
N ALA B 67 -6.03 7.15 -6.74
CA ALA B 67 -6.28 8.55 -7.13
C ALA B 67 -7.71 9.05 -6.92
N THR B 68 -8.68 8.14 -6.84
CA THR B 68 -10.08 8.57 -6.75
C THR B 68 -10.72 8.25 -5.39
N ARG B 69 -10.14 7.28 -4.70
CA ARG B 69 -10.54 6.81 -3.37
C ARG B 69 -10.98 7.93 -2.42
N SER B 70 -10.00 8.76 -2.07
CA SER B 70 -10.14 10.11 -1.54
C SER B 70 -11.43 10.91 -1.80
N ILE B 71 -11.85 10.99 -3.05
CA ILE B 71 -12.99 11.82 -3.41
C ILE B 71 -14.24 10.98 -3.41
N PHE B 72 -14.11 9.73 -3.81
CA PHE B 72 -15.17 8.78 -3.66
C PHE B 72 -15.74 8.79 -2.25
N GLU B 73 -14.84 8.61 -1.29
CA GLU B 73 -15.17 8.47 0.13
C GLU B 73 -15.81 9.73 0.69
N GLU B 74 -15.16 10.86 0.50
CA GLU B 74 -15.73 12.14 0.83
C GLU B 74 -17.12 12.34 0.20
N LEU B 75 -17.28 11.95 -1.06
CA LEU B 75 -18.54 12.18 -1.76
C LEU B 75 -19.70 11.27 -1.34
N THR B 76 -19.41 10.11 -0.79
CA THR B 76 -20.50 9.18 -0.55
C THR B 76 -20.59 8.75 0.90
N GLU B 77 -19.52 9.02 1.65
CA GLU B 77 -19.28 8.39 2.95
C GLU B 77 -19.63 6.93 2.88
N ILE B 78 -18.67 6.16 2.41
CA ILE B 78 -18.77 4.75 2.44
C ILE B 78 -17.34 4.32 2.62
N PRO B 79 -17.12 3.32 3.45
CA PRO B 79 -15.90 2.54 3.35
C PRO B 79 -15.56 2.19 1.89
N VAL B 80 -14.56 2.90 1.37
CA VAL B 80 -13.93 2.58 0.09
C VAL B 80 -12.54 1.95 0.36
N SER B 81 -12.21 0.87 -0.33
CA SER B 81 -10.85 0.34 -0.23
C SER B 81 -10.34 -0.24 -1.55
N VAL B 82 -9.03 -0.15 -1.73
CA VAL B 82 -8.38 -0.46 -3.00
C VAL B 82 -7.46 -1.67 -2.85
N GLU B 83 -7.79 -2.74 -3.54
CA GLU B 83 -7.10 -3.99 -3.39
C GLU B 83 -6.54 -4.37 -4.75
N LEU B 84 -5.26 -4.73 -4.76
CA LEU B 84 -4.64 -5.24 -5.98
C LEU B 84 -5.04 -6.70 -6.12
N ALA B 85 -5.55 -7.05 -7.29
CA ALA B 85 -6.24 -8.32 -7.42
C ALA B 85 -5.34 -9.48 -7.06
N SER B 86 -4.08 -9.42 -7.50
CA SER B 86 -3.15 -10.53 -7.29
C SER B 86 -3.15 -10.87 -5.81
N ASP B 87 -2.95 -9.82 -4.99
CA ASP B 87 -2.94 -9.95 -3.56
C ASP B 87 -4.27 -10.36 -2.98
N PHE B 88 -5.30 -9.59 -3.26
CA PHE B 88 -6.65 -9.86 -2.78
C PHE B 88 -7.00 -11.34 -2.75
N LEU B 89 -6.62 -12.03 -3.81
CA LEU B 89 -6.72 -13.48 -3.89
C LEU B 89 -5.90 -14.22 -2.85
N ASP B 90 -4.58 -14.01 -2.82
CA ASP B 90 -3.69 -14.66 -1.84
C ASP B 90 -4.28 -14.54 -0.46
N ARG B 91 -4.73 -13.34 -0.10
CA ARG B 91 -5.31 -13.13 1.20
C ARG B 91 -6.71 -13.69 1.36
N ARG B 92 -7.37 -14.08 0.26
CA ARG B 92 -8.78 -14.56 0.30
C ARG B 92 -9.67 -13.75 1.21
N SER B 93 -9.63 -12.43 1.03
CA SER B 93 -10.45 -11.52 1.80
C SER B 93 -11.87 -12.07 1.80
N PRO B 94 -12.49 -12.15 2.98
CA PRO B 94 -13.96 -12.34 3.11
C PRO B 94 -14.76 -11.17 2.50
N VAL B 95 -15.85 -11.50 1.82
CA VAL B 95 -16.65 -10.52 1.12
C VAL B 95 -18.06 -11.06 1.05
N PHE B 96 -19.06 -10.18 1.17
CA PHE B 96 -20.45 -10.59 1.41
C PHE B 96 -21.48 -9.89 0.48
N ARG B 97 -22.76 -10.04 0.76
CA ARG B 97 -23.83 -9.53 -0.12
C ARG B 97 -24.01 -8.03 -0.06
N ASP B 98 -23.75 -7.43 1.11
CA ASP B 98 -23.88 -5.99 1.29
C ASP B 98 -22.83 -5.27 0.44
N ASP B 99 -21.67 -5.91 0.28
CA ASP B 99 -20.50 -5.41 -0.47
C ASP B 99 -20.70 -5.16 -1.95
N THR B 100 -20.04 -4.13 -2.47
CA THR B 100 -20.01 -3.81 -3.88
C THR B 100 -18.58 -3.88 -4.34
N CYS B 101 -18.33 -4.55 -5.45
CA CYS B 101 -16.97 -4.73 -5.90
C CYS B 101 -16.73 -4.10 -7.22
N VAL B 102 -15.93 -3.04 -7.24
CA VAL B 102 -15.70 -2.33 -8.50
C VAL B 102 -14.36 -2.71 -9.13
N PHE B 103 -14.43 -3.22 -10.35
CA PHE B 103 -13.24 -3.65 -11.09
C PHE B 103 -12.89 -2.68 -12.19
N VAL B 104 -11.76 -2.00 -12.04
CA VAL B 104 -11.32 -1.06 -13.06
C VAL B 104 -10.35 -1.71 -14.05
N SER B 105 -10.83 -1.91 -15.27
CA SER B 105 -9.96 -2.46 -16.30
C SER B 105 -9.94 -1.60 -17.54
N GLN B 106 -8.78 -1.62 -18.19
CA GLN B 106 -8.61 -1.10 -19.54
C GLN B 106 -9.03 -2.24 -20.46
N SER B 107 -8.23 -3.32 -20.47
CA SER B 107 -8.51 -4.51 -21.26
C SER B 107 -9.85 -5.13 -20.90
N GLY B 108 -10.08 -5.40 -19.64
CA GLY B 108 -11.29 -6.12 -19.25
C GLY B 108 -11.04 -7.60 -19.40
N GLU B 109 -9.77 -7.96 -19.57
CA GLU B 109 -9.37 -9.34 -19.70
C GLU B 109 -8.31 -9.80 -18.68
N THR B 110 -7.71 -8.88 -17.92
CA THR B 110 -6.63 -9.21 -16.95
C THR B 110 -6.95 -10.43 -16.07
N ALA B 111 -6.02 -11.38 -16.01
CA ALA B 111 -6.27 -12.69 -15.38
C ALA B 111 -6.65 -12.68 -13.89
N ASP B 112 -5.85 -11.96 -13.12
CA ASP B 112 -6.00 -11.95 -11.66
C ASP B 112 -7.20 -11.11 -11.26
N SER B 113 -7.55 -10.17 -12.14
CA SER B 113 -8.82 -9.50 -12.04
C SER B 113 -9.96 -10.49 -12.20
N ILE B 114 -10.11 -11.02 -13.41
CA ILE B 114 -11.12 -12.04 -13.70
C ILE B 114 -11.25 -13.04 -12.57
N LEU B 115 -10.13 -13.57 -12.09
CA LEU B 115 -10.20 -14.50 -10.97
C LEU B 115 -10.96 -13.91 -9.81
N ALA B 116 -10.50 -12.74 -9.35
CA ALA B 116 -11.13 -12.02 -8.25
C ALA B 116 -12.62 -11.80 -8.54
N LEU B 117 -12.93 -11.36 -9.76
CA LEU B 117 -14.29 -11.17 -10.16
C LEU B 117 -15.10 -12.42 -9.87
N GLN B 118 -14.56 -13.56 -10.26
CA GLN B 118 -15.22 -14.85 -10.09
C GLN B 118 -15.43 -15.17 -8.63
N TYR B 119 -14.32 -15.17 -7.90
CA TYR B 119 -14.31 -15.27 -6.46
C TYR B 119 -15.40 -14.41 -5.88
N CYS B 120 -15.36 -13.10 -6.14
CA CYS B 120 -16.40 -12.19 -5.68
C CYS B 120 -17.77 -12.69 -5.98
N LEU B 121 -17.98 -13.02 -7.25
CA LEU B 121 -19.27 -13.44 -7.76
C LEU B 121 -19.75 -14.66 -7.03
N GLU B 122 -18.97 -15.73 -7.06
CA GLU B 122 -19.35 -16.95 -6.39
C GLU B 122 -19.49 -16.79 -4.89
N ARG B 123 -19.05 -15.64 -4.38
CA ARG B 123 -19.21 -15.35 -2.97
C ARG B 123 -20.36 -14.40 -2.65
N GLY B 124 -21.21 -14.11 -3.63
CA GLY B 124 -22.46 -13.35 -3.38
C GLY B 124 -22.45 -11.84 -3.60
N ALA B 125 -21.25 -11.25 -3.61
CA ALA B 125 -21.09 -9.81 -3.69
C ALA B 125 -21.63 -9.30 -5.00
N LEU B 126 -21.94 -8.00 -5.02
CA LEU B 126 -22.31 -7.32 -6.24
C LEU B 126 -21.06 -6.80 -6.94
N THR B 127 -21.08 -6.86 -8.27
CA THR B 127 -19.91 -6.64 -9.10
C THR B 127 -20.10 -5.52 -10.10
N VAL B 128 -19.05 -4.73 -10.32
CA VAL B 128 -19.13 -3.60 -11.23
C VAL B 128 -17.84 -3.53 -12.01
N GLY B 129 -17.98 -3.56 -13.34
CA GLY B 129 -16.84 -3.40 -14.23
C GLY B 129 -16.65 -1.95 -14.64
N ILE B 130 -15.40 -1.53 -14.71
CA ILE B 130 -15.08 -0.20 -15.22
C ILE B 130 -14.07 -0.40 -16.36
N VAL B 131 -14.62 -0.62 -17.54
CA VAL B 131 -13.86 -1.22 -18.63
C VAL B 131 -13.77 -0.32 -19.84
N ASN B 132 -12.57 -0.17 -20.39
CA ASN B 132 -12.39 0.55 -21.65
C ASN B 132 -12.95 -0.20 -22.85
N SER B 133 -12.62 -1.49 -22.89
CA SER B 133 -12.96 -2.45 -23.97
C SER B 133 -14.43 -2.89 -24.13
N VAL B 134 -14.79 -3.14 -25.38
CA VAL B 134 -16.15 -3.51 -25.72
C VAL B 134 -16.34 -5.04 -25.76
N GLY B 135 -17.26 -5.58 -24.93
CA GLY B 135 -17.58 -7.02 -24.87
C GLY B 135 -16.42 -7.90 -24.39
N SER B 136 -15.61 -7.35 -23.52
CA SER B 136 -14.52 -8.08 -22.89
C SER B 136 -15.16 -9.06 -21.93
N SER B 137 -14.35 -9.92 -21.32
CA SER B 137 -14.84 -10.90 -20.37
C SER B 137 -15.53 -10.20 -19.24
N MET B 138 -14.78 -9.37 -18.54
CA MET B 138 -15.31 -8.59 -17.46
C MET B 138 -16.71 -8.10 -17.85
N SER B 139 -16.77 -7.28 -18.89
CA SER B 139 -18.05 -6.81 -19.44
C SER B 139 -19.13 -7.88 -19.27
N ARG B 140 -18.85 -9.10 -19.71
CA ARG B 140 -19.85 -10.16 -19.69
C ARG B 140 -20.34 -10.50 -18.28
N GLN B 141 -19.40 -10.84 -17.40
CA GLN B 141 -19.71 -11.40 -16.09
C GLN B 141 -20.20 -10.42 -15.03
N THR B 142 -20.03 -9.13 -15.24
CA THR B 142 -20.42 -8.15 -14.20
C THR B 142 -21.93 -7.93 -14.14
N HIS B 143 -22.41 -7.66 -12.92
CA HIS B 143 -23.81 -7.27 -12.69
C HIS B 143 -24.14 -6.08 -13.55
N CYS B 144 -23.14 -5.21 -13.67
CA CYS B 144 -23.18 -4.04 -14.53
C CYS B 144 -21.79 -3.44 -14.59
N GLY B 145 -21.70 -2.27 -15.21
CA GLY B 145 -20.48 -1.50 -15.15
C GLY B 145 -20.37 -0.53 -16.27
N VAL B 146 -19.62 0.52 -16.02
CA VAL B 146 -19.43 1.56 -16.98
C VAL B 146 -18.47 1.12 -18.11
N HIS B 147 -18.67 1.68 -19.29
CA HIS B 147 -17.70 1.59 -20.38
C HIS B 147 -16.93 2.90 -20.49
N ILE B 148 -15.63 2.86 -20.17
CA ILE B 148 -14.85 4.10 -20.05
C ILE B 148 -14.72 4.87 -21.38
N ASN B 149 -15.03 4.22 -22.51
CA ASN B 149 -15.40 4.98 -23.73
C ASN B 149 -14.23 5.85 -24.19
N ALA B 150 -13.02 5.30 -24.11
CA ALA B 150 -11.82 6.08 -24.39
C ALA B 150 -11.54 6.17 -25.89
N GLY B 151 -11.16 5.03 -26.47
CA GLY B 151 -10.65 4.92 -27.84
C GLY B 151 -9.60 3.80 -27.87
N PRO B 152 -9.58 2.99 -28.93
CA PRO B 152 -8.74 1.80 -28.88
C PRO B 152 -7.31 2.11 -28.44
N GLU B 153 -6.94 1.62 -27.26
CA GLU B 153 -5.57 1.75 -26.80
C GLU B 153 -4.68 0.72 -27.45
N ILE B 154 -3.55 1.20 -27.94
CA ILE B 154 -2.71 0.50 -28.90
C ILE B 154 -1.19 0.61 -28.62
N GLY B 155 -0.79 1.38 -27.59
CA GLY B 155 0.58 1.38 -27.10
C GLY B 155 0.66 0.49 -25.87
N VAL B 156 1.79 -0.22 -25.72
CA VAL B 156 2.09 -1.03 -24.51
C VAL B 156 1.57 -0.42 -23.19
N ALA B 157 1.79 0.89 -23.05
CA ALA B 157 1.45 1.64 -21.84
C ALA B 157 -0.03 1.99 -21.75
N SER B 158 -0.55 1.98 -20.53
CA SER B 158 -1.90 2.42 -20.21
C SER B 158 -1.94 3.96 -20.05
N THR B 159 -1.47 4.69 -21.07
CA THR B 159 -1.41 6.16 -21.03
C THR B 159 -2.78 6.83 -21.01
N LYS B 160 -3.44 6.95 -22.16
CA LYS B 160 -4.76 7.59 -22.19
C LYS B 160 -5.72 6.92 -21.23
N ALA B 161 -5.61 5.59 -21.11
CA ALA B 161 -6.49 4.73 -20.29
C ALA B 161 -6.62 5.25 -18.87
N TYR B 162 -5.49 5.32 -18.19
CA TYR B 162 -5.39 5.97 -16.89
C TYR B 162 -6.34 7.15 -16.69
N THR B 163 -6.00 8.29 -17.27
CA THR B 163 -6.77 9.51 -17.09
C THR B 163 -8.25 9.30 -17.33
N SER B 164 -8.59 8.58 -18.39
CA SER B 164 -9.97 8.27 -18.66
C SER B 164 -10.64 7.57 -17.47
N GLN B 165 -10.06 6.44 -17.03
CA GLN B 165 -10.55 5.70 -15.86
C GLN B 165 -10.81 6.66 -14.71
N TYR B 166 -9.76 7.38 -14.35
CA TYR B 166 -9.79 8.46 -13.38
C TYR B 166 -11.06 9.32 -13.51
N ILE B 167 -11.32 9.83 -14.71
CA ILE B 167 -12.52 10.60 -14.96
C ILE B 167 -13.78 9.76 -14.72
N ALA B 168 -13.84 8.59 -15.33
CA ALA B 168 -14.96 7.70 -15.10
C ALA B 168 -15.19 7.53 -13.62
N LEU B 169 -14.15 7.09 -12.94
CA LEU B 169 -14.25 6.85 -11.53
C LEU B 169 -14.89 8.01 -10.84
N VAL B 170 -14.52 9.21 -11.22
CA VAL B 170 -15.11 10.40 -10.62
C VAL B 170 -16.60 10.50 -10.96
N MET B 171 -16.91 10.42 -12.24
CA MET B 171 -18.28 10.53 -12.71
C MET B 171 -19.13 9.56 -11.93
N PHE B 172 -18.60 8.35 -11.79
CA PHE B 172 -19.17 7.38 -10.90
C PHE B 172 -19.49 8.00 -9.54
N ALA B 173 -18.46 8.38 -8.78
CA ALA B 173 -18.63 8.85 -7.40
C ALA B 173 -19.71 9.90 -7.32
N LEU B 174 -19.69 10.84 -8.26
CA LEU B 174 -20.74 11.85 -8.40
C LEU B 174 -22.14 11.23 -8.48
N SER B 175 -22.37 10.34 -9.45
CA SER B 175 -23.71 9.77 -9.69
C SER B 175 -24.27 9.01 -8.48
N LEU B 176 -23.40 8.25 -7.81
CA LEU B 176 -23.73 7.72 -6.48
C LEU B 176 -24.28 8.86 -5.65
N SER B 177 -23.45 9.87 -5.43
CA SER B 177 -23.71 10.93 -4.48
C SER B 177 -24.65 12.01 -4.99
N ASN B 178 -25.42 11.72 -6.02
CA ASN B 178 -26.16 12.80 -6.69
C ASN B 178 -27.40 13.33 -5.95
N ASP B 179 -27.75 12.67 -4.83
CA ASP B 179 -28.93 13.07 -4.04
C ASP B 179 -28.61 13.78 -2.71
N SER B 180 -27.58 14.62 -2.71
CA SER B 180 -27.21 15.37 -1.50
C SER B 180 -27.23 16.87 -1.70
N ILE B 181 -27.93 17.56 -0.83
CA ILE B 181 -27.98 18.99 -0.95
C ILE B 181 -26.71 19.59 -0.39
N SER B 182 -26.16 19.01 0.67
CA SER B 182 -24.93 19.51 1.28
C SER B 182 -23.73 19.43 0.33
N ARG B 183 -23.63 18.36 -0.44
CA ARG B 183 -22.54 18.24 -1.40
C ARG B 183 -22.75 19.11 -2.65
N LYS B 184 -24.00 19.52 -2.87
CA LYS B 184 -24.41 20.10 -4.15
C LYS B 184 -23.40 21.12 -4.64
N GLY B 185 -22.95 21.98 -3.74
CA GLY B 185 -21.90 22.93 -4.03
C GLY B 185 -20.70 22.24 -4.66
N ARG B 186 -20.04 21.40 -3.87
CA ARG B 186 -18.83 20.71 -4.30
C ARG B 186 -19.06 19.79 -5.51
N HIS B 187 -20.31 19.49 -5.79
CA HIS B 187 -20.66 18.67 -6.95
C HIS B 187 -20.38 19.48 -8.23
N GLU B 188 -20.93 20.70 -8.33
CA GLU B 188 -20.78 21.51 -9.54
C GLU B 188 -19.36 21.93 -9.74
N GLU B 189 -18.75 22.39 -8.66
CA GLU B 189 -17.34 22.76 -8.68
C GLU B 189 -16.55 21.77 -9.52
N ILE B 190 -16.64 20.50 -9.13
CA ILE B 190 -15.91 19.43 -9.77
C ILE B 190 -16.36 19.34 -11.21
N ILE B 191 -17.67 19.50 -11.42
CA ILE B 191 -18.19 19.31 -12.76
C ILE B 191 -17.73 20.45 -13.64
N LYS B 192 -17.94 21.69 -13.22
CA LYS B 192 -17.43 22.83 -13.98
C LYS B 192 -15.94 22.69 -14.26
N GLY B 193 -15.23 22.08 -13.33
CA GLY B 193 -13.79 21.86 -13.43
C GLY B 193 -13.48 20.75 -14.40
N LEU B 194 -14.36 19.76 -14.50
CA LEU B 194 -14.17 18.64 -15.42
C LEU B 194 -14.25 19.14 -16.84
N GLN B 195 -15.16 20.07 -17.07
CA GLN B 195 -15.36 20.67 -18.39
C GLN B 195 -14.06 21.21 -18.94
N LYS B 196 -13.31 21.81 -18.02
CA LYS B 196 -12.09 22.50 -18.35
C LYS B 196 -10.99 21.47 -18.58
N ILE B 197 -10.98 20.40 -17.79
CA ILE B 197 -9.87 19.42 -17.84
C ILE B 197 -9.28 19.20 -19.24
N PRO B 198 -10.10 18.83 -20.25
CA PRO B 198 -9.53 18.56 -21.56
C PRO B 198 -8.62 19.65 -22.15
N GLU B 199 -9.01 20.92 -22.10
CA GLU B 199 -8.12 21.94 -22.64
C GLU B 199 -6.91 22.14 -21.71
N GLN B 200 -7.11 21.96 -20.42
CA GLN B 200 -5.99 22.07 -19.49
C GLN B 200 -4.94 21.06 -19.85
N ILE B 201 -5.39 19.94 -20.43
CA ILE B 201 -4.50 18.86 -20.90
C ILE B 201 -3.59 19.39 -22.00
N LYS B 202 -4.18 20.03 -23.01
CA LYS B 202 -3.38 20.60 -24.09
C LYS B 202 -2.21 21.49 -23.58
N GLN B 203 -2.47 22.33 -22.57
CA GLN B 203 -1.46 23.28 -22.06
C GLN B 203 -0.31 22.63 -21.28
N VAL B 204 -0.54 21.41 -20.83
CA VAL B 204 0.52 20.59 -20.25
C VAL B 204 1.36 20.08 -21.41
N LEU B 205 0.70 19.67 -22.49
CA LEU B 205 1.40 19.11 -23.61
C LEU B 205 2.31 20.12 -24.35
N LYS B 206 2.54 21.30 -23.76
CA LYS B 206 3.45 22.31 -24.34
C LYS B 206 4.81 22.27 -23.65
N LEU B 207 4.77 21.74 -22.43
CA LEU B 207 5.98 21.52 -21.62
C LEU B 207 6.81 20.42 -22.24
N GLU B 208 6.14 19.56 -23.01
CA GLU B 208 6.77 18.57 -23.87
C GLU B 208 8.13 19.03 -24.37
N ASN B 209 8.20 20.28 -24.84
CA ASN B 209 9.45 20.90 -25.25
C ASN B 209 10.49 20.94 -24.11
N LYS B 210 10.10 21.50 -22.97
CA LYS B 210 10.94 21.67 -21.79
C LYS B 210 11.28 20.33 -21.16
N ILE B 211 10.41 19.34 -21.37
CA ILE B 211 10.60 18.00 -20.82
C ILE B 211 11.67 17.24 -21.61
N LYS B 212 11.54 17.20 -22.94
CA LYS B 212 12.58 16.67 -23.81
C LYS B 212 13.89 17.26 -23.33
N ASP B 213 13.93 18.59 -23.25
CA ASP B 213 15.08 19.36 -22.78
C ASP B 213 15.74 18.77 -21.53
N LEU B 214 14.90 18.51 -20.53
CA LEU B 214 15.31 17.97 -19.25
C LEU B 214 15.91 16.55 -19.36
N CYS B 215 15.73 15.91 -20.51
CA CYS B 215 16.23 14.56 -20.72
C CYS B 215 17.63 14.58 -21.38
N ASN B 216 18.55 15.29 -20.76
CA ASN B 216 19.95 15.18 -21.10
C ASN B 216 20.80 14.89 -19.87
N SER B 217 20.42 15.51 -18.74
CA SER B 217 20.89 15.13 -17.42
C SER B 217 20.09 13.93 -16.87
N SER B 218 20.23 12.78 -17.53
CA SER B 218 19.59 11.47 -17.16
C SER B 218 19.52 10.49 -18.34
N GLN B 222 21.56 7.78 -17.39
CA GLN B 222 21.64 7.68 -15.93
C GLN B 222 20.45 6.88 -15.30
N LYS B 223 20.79 5.85 -14.49
CA LYS B 223 19.87 4.73 -14.08
C LYS B 223 19.17 4.92 -12.71
N SER B 224 18.00 5.55 -12.70
CA SER B 224 17.09 5.72 -11.53
C SER B 224 16.04 6.83 -11.69
N LEU B 225 15.43 7.24 -10.57
CA LEU B 225 14.40 8.30 -10.51
C LEU B 225 13.38 8.02 -9.40
N LEU B 226 13.07 9.05 -8.61
CA LEU B 226 12.13 8.93 -7.51
C LEU B 226 10.97 9.88 -7.69
N LEU B 227 9.76 9.34 -7.54
CA LEU B 227 8.56 10.16 -7.50
C LEU B 227 8.21 10.42 -6.05
N LEU B 228 8.06 11.69 -5.73
CA LEU B 228 7.95 12.16 -4.36
C LEU B 228 6.60 12.85 -4.19
N GLY B 229 5.59 12.10 -3.76
CA GLY B 229 4.24 12.62 -3.71
C GLY B 229 3.68 12.57 -2.31
N ARG B 230 2.56 13.25 -2.08
CA ARG B 230 1.79 13.04 -0.87
C ARG B 230 0.29 13.28 -1.09
N GLY B 231 -0.55 12.65 -0.27
CA GLY B 231 -2.01 12.83 -0.30
C GLY B 231 -2.76 12.51 -1.60
N TYR B 232 -3.34 13.54 -2.19
CA TYR B 232 -3.96 13.41 -3.51
C TYR B 232 -2.89 12.96 -4.50
N GLN B 233 -1.85 13.77 -4.67
CA GLN B 233 -0.77 13.48 -5.57
C GLN B 233 0.10 12.29 -5.16
N PHE B 234 -0.40 11.43 -4.27
CA PHE B 234 0.35 10.21 -4.00
C PHE B 234 0.19 9.22 -5.13
N ALA B 235 -1.04 8.82 -5.42
CA ALA B 235 -1.37 7.98 -6.58
C ALA B 235 -0.57 8.33 -7.86
N THR B 236 -0.37 9.63 -8.09
CA THR B 236 0.36 10.17 -9.25
C THR B 236 1.82 9.79 -9.16
N ALA B 237 2.40 9.93 -7.97
CA ALA B 237 3.77 9.48 -7.72
C ALA B 237 4.00 8.01 -8.11
N LEU B 238 3.10 7.15 -7.67
CA LEU B 238 3.18 5.70 -7.87
C LEU B 238 2.99 5.33 -9.32
N GLU B 239 2.11 6.08 -9.98
CA GLU B 239 1.84 5.91 -11.38
C GLU B 239 3.07 6.34 -12.19
N GLY B 240 3.46 7.60 -12.07
CA GLY B 240 4.74 8.04 -12.61
C GLY B 240 5.81 6.97 -12.44
N ALA B 241 5.83 6.32 -11.27
CA ALA B 241 6.79 5.24 -10.98
C ALA B 241 6.55 4.02 -11.85
N LEU B 242 5.32 3.59 -11.92
CA LEU B 242 4.95 2.48 -12.76
C LEU B 242 5.41 2.73 -14.19
N LYS B 243 5.27 3.98 -14.60
CA LYS B 243 5.61 4.39 -15.95
C LYS B 243 7.06 4.12 -16.24
N ILE B 244 7.92 4.98 -15.68
CA ILE B 244 9.34 4.90 -15.92
C ILE B 244 9.75 3.44 -16.05
N LYS B 245 9.42 2.64 -15.05
CA LYS B 245 9.74 1.22 -15.08
C LYS B 245 9.15 0.57 -16.31
N GLU B 246 7.83 0.41 -16.31
CA GLU B 246 7.14 -0.24 -17.40
C GLU B 246 7.63 0.22 -18.78
N ILE B 247 7.82 1.53 -18.94
CA ILE B 247 8.02 2.11 -20.26
C ILE B 247 9.48 2.20 -20.65
N SER B 248 10.30 2.76 -19.75
CA SER B 248 11.65 3.15 -20.11
C SER B 248 12.71 2.19 -19.65
N TYR B 249 12.29 1.13 -18.95
CA TYR B 249 13.27 0.18 -18.44
C TYR B 249 14.42 0.94 -17.78
N MET B 250 14.03 1.85 -16.92
CA MET B 250 14.88 2.48 -15.93
C MET B 250 14.27 1.99 -14.60
N HIS B 251 14.71 2.54 -13.47
CA HIS B 251 14.05 2.22 -12.21
C HIS B 251 13.57 3.45 -11.42
N SER B 252 12.25 3.64 -11.42
CA SER B 252 11.60 4.65 -10.60
C SER B 252 11.01 4.02 -9.33
N GLU B 253 10.79 4.84 -8.32
CA GLU B 253 10.11 4.39 -7.08
C GLU B 253 9.34 5.56 -6.45
N GLY B 254 8.04 5.64 -6.73
CA GLY B 254 7.21 6.64 -6.10
C GLY B 254 7.10 6.39 -4.61
N VAL B 255 7.27 7.43 -3.81
CA VAL B 255 7.12 7.31 -2.37
C VAL B 255 6.39 8.51 -1.77
N LEU B 256 5.80 8.30 -0.59
CA LEU B 256 5.05 9.32 0.13
C LEU B 256 5.97 10.35 0.81
N ALA B 257 5.69 11.64 0.57
CA ALA B 257 6.55 12.72 1.05
C ALA B 257 6.99 12.65 2.52
N GLY B 258 8.30 12.55 2.71
CA GLY B 258 8.95 12.71 4.01
C GLY B 258 8.41 11.88 5.15
N GLU B 259 8.74 10.59 5.14
CA GLU B 259 8.75 9.75 6.36
C GLU B 259 10.22 9.39 6.68
N LEU B 260 11.13 10.20 6.10
CA LEU B 260 12.59 10.06 6.16
C LEU B 260 13.17 10.63 7.45
N LEU B 272 20.32 10.66 -7.78
CA LEU B 272 19.40 11.49 -7.02
C LEU B 272 18.77 12.58 -7.94
N PRO B 273 17.94 12.16 -8.93
CA PRO B 273 17.00 13.04 -9.66
C PRO B 273 15.56 12.91 -9.11
N ILE B 274 14.99 13.99 -8.59
CA ILE B 274 13.81 13.85 -7.74
C ILE B 274 12.57 14.60 -8.22
N ILE B 275 11.59 13.89 -8.80
CA ILE B 275 10.32 14.55 -9.14
C ILE B 275 9.46 14.70 -7.91
N ALA B 276 9.09 15.93 -7.57
CA ALA B 276 8.25 16.14 -6.40
C ALA B 276 7.03 16.99 -6.73
N PHE B 277 5.85 16.41 -6.59
CA PHE B 277 4.62 17.14 -6.88
C PHE B 277 4.31 18.10 -5.76
N ALA B 278 4.21 19.37 -6.12
CA ALA B 278 3.90 20.40 -5.15
C ALA B 278 2.86 21.35 -5.73
N THR B 279 1.94 20.76 -6.49
CA THR B 279 0.68 21.40 -6.87
C THR B 279 -0.04 21.76 -5.57
N ARG B 280 -0.92 22.76 -5.61
CA ARG B 280 -1.50 23.31 -4.38
C ARG B 280 -2.38 22.34 -3.62
N ASP B 281 -2.98 21.39 -4.34
CA ASP B 281 -3.86 20.37 -3.75
C ASP B 281 -3.14 19.37 -2.82
N SER B 282 -1.82 19.33 -2.90
CA SER B 282 -1.05 18.38 -2.12
C SER B 282 0.21 19.04 -1.54
N LEU B 283 0.03 20.27 -1.05
CA LEU B 283 1.10 21.07 -0.51
C LEU B 283 1.07 21.07 1.01
N PHE B 284 1.72 20.08 1.61
CA PHE B 284 1.76 19.96 3.04
C PHE B 284 3.11 20.45 3.49
N PRO B 285 3.19 20.91 4.74
CA PRO B 285 4.48 21.17 5.39
C PRO B 285 5.42 19.97 5.26
N LYS B 286 4.82 18.77 5.20
CA LYS B 286 5.51 17.50 5.15
C LYS B 286 6.12 17.26 3.79
N VAL B 287 5.44 17.72 2.74
CA VAL B 287 6.04 17.76 1.42
C VAL B 287 7.10 18.85 1.39
N MET B 288 6.79 19.95 2.06
CA MET B 288 7.65 21.12 2.09
C MET B 288 9.03 20.79 2.57
N SER B 289 9.12 20.47 3.86
CA SER B 289 10.38 20.06 4.50
C SER B 289 11.09 18.93 3.75
N ALA B 290 10.31 18.04 3.12
CA ALA B 290 10.81 17.00 2.23
C ALA B 290 11.65 17.58 1.08
N ILE B 291 11.16 18.66 0.46
CA ILE B 291 11.90 19.33 -0.61
C ILE B 291 12.98 20.20 -0.03
N GLU B 292 12.59 21.05 0.92
CA GLU B 292 13.52 21.95 1.57
C GLU B 292 14.75 21.16 1.96
N GLN B 293 14.52 19.91 2.39
CA GLN B 293 15.55 18.98 2.83
C GLN B 293 16.44 18.51 1.68
N VAL B 294 15.88 18.40 0.49
CA VAL B 294 16.71 18.01 -0.65
C VAL B 294 17.47 19.23 -1.21
N THR B 295 16.83 20.41 -1.23
CA THR B 295 17.49 21.62 -1.77
C THR B 295 18.81 21.89 -1.06
N ALA B 296 18.87 21.60 0.24
CA ALA B 296 20.10 21.75 1.03
C ALA B 296 21.15 20.69 0.70
N ARG B 297 20.71 19.52 0.24
CA ARG B 297 21.61 18.47 -0.24
C ARG B 297 22.25 18.86 -1.58
N ASP B 298 21.46 19.56 -2.40
CA ASP B 298 21.87 20.21 -3.67
C ASP B 298 21.51 19.56 -5.03
N GLY B 299 21.05 18.30 -5.01
CA GLY B 299 20.59 17.60 -6.22
C GLY B 299 19.31 18.22 -6.76
N ARG B 300 19.31 18.58 -8.06
CA ARG B 300 18.19 19.30 -8.72
C ARG B 300 16.91 18.45 -8.86
N PRO B 301 15.92 18.75 -8.00
CA PRO B 301 14.66 18.03 -8.03
C PRO B 301 13.73 18.69 -9.04
N ILE B 302 12.75 17.93 -9.50
CA ILE B 302 11.85 18.44 -10.51
C ILE B 302 10.53 18.68 -9.83
N VAL B 303 10.12 19.94 -9.83
CA VAL B 303 8.94 20.35 -9.08
C VAL B 303 7.77 20.60 -10.00
N ILE B 304 6.78 19.73 -9.92
CA ILE B 304 5.57 19.95 -10.68
C ILE B 304 4.71 20.80 -9.80
N CYS B 305 4.11 21.83 -10.38
CA CYS B 305 3.16 22.70 -9.67
C CYS B 305 2.50 23.71 -10.61
N ASN B 306 1.66 24.57 -10.03
CA ASN B 306 0.77 25.47 -10.79
C ASN B 306 1.35 26.84 -11.03
N GLU B 307 1.25 27.28 -12.28
CA GLU B 307 1.75 28.56 -12.75
C GLU B 307 1.65 29.65 -11.68
N GLY B 308 2.80 30.24 -11.33
CA GLY B 308 2.84 31.44 -10.46
C GLY B 308 3.23 31.23 -9.01
N ASP B 309 4.27 30.41 -8.79
CA ASP B 309 4.69 29.98 -7.45
C ASP B 309 6.19 30.21 -7.21
N VAL B 317 18.68 25.96 -7.56
CA VAL B 317 19.50 24.82 -8.03
C VAL B 317 18.64 23.73 -8.74
N HIS B 318 17.35 24.05 -8.97
CA HIS B 318 16.34 23.07 -9.45
C HIS B 318 15.79 23.28 -10.88
N THR B 319 14.65 22.65 -11.15
CA THR B 319 13.83 22.91 -12.35
C THR B 319 12.38 22.70 -11.97
N THR B 320 11.48 23.41 -12.63
CA THR B 320 10.09 23.38 -12.23
C THR B 320 9.16 23.37 -13.43
N LEU B 321 8.29 22.36 -13.50
CA LEU B 321 7.32 22.27 -14.59
C LEU B 321 5.94 22.78 -14.15
N GLU B 322 5.37 23.71 -14.91
CA GLU B 322 4.07 24.27 -14.58
C GLU B 322 2.95 23.34 -14.98
N VAL B 323 1.83 23.41 -14.27
CA VAL B 323 0.60 22.72 -14.65
C VAL B 323 -0.56 23.56 -14.16
N PRO B 324 -1.42 24.03 -15.08
CA PRO B 324 -2.55 24.85 -14.62
C PRO B 324 -3.28 24.25 -13.40
N GLU B 325 -3.86 25.12 -12.55
CA GLU B 325 -4.52 24.73 -11.27
C GLU B 325 -5.98 24.33 -11.46
N THR B 326 -6.28 23.08 -11.07
CA THR B 326 -7.64 22.61 -11.17
C THR B 326 -8.18 22.27 -9.80
N VAL B 327 -9.48 22.00 -9.75
CA VAL B 327 -10.16 21.46 -8.56
C VAL B 327 -9.36 20.25 -8.09
N ASP B 328 -8.87 20.31 -6.84
CA ASP B 328 -7.89 19.35 -6.29
C ASP B 328 -8.04 17.85 -6.62
N CYS B 329 -9.26 17.34 -6.61
CA CYS B 329 -9.49 15.95 -6.95
C CYS B 329 -9.39 15.70 -8.45
N LEU B 330 -9.13 16.73 -9.24
CA LEU B 330 -8.93 16.55 -10.67
C LEU B 330 -7.50 16.88 -10.97
N GLN B 331 -6.86 17.45 -9.96
CA GLN B 331 -5.49 17.88 -10.08
C GLN B 331 -4.61 16.72 -10.52
N GLY B 332 -4.78 15.56 -9.90
CA GLY B 332 -4.01 14.38 -10.31
C GLY B 332 -3.99 14.14 -11.81
N LEU B 333 -5.08 14.53 -12.49
CA LEU B 333 -5.27 14.27 -13.92
C LEU B 333 -4.17 14.93 -14.75
N LEU B 334 -3.87 16.19 -14.44
CA LEU B 334 -2.87 16.97 -15.15
C LEU B 334 -1.47 16.47 -14.83
N ASN B 335 -1.16 16.48 -13.54
CA ASN B 335 0.17 16.19 -13.08
C ASN B 335 0.76 14.93 -13.66
N VAL B 336 -0.08 14.03 -14.15
CA VAL B 336 0.45 12.76 -14.58
C VAL B 336 1.03 12.88 -16.00
N ILE B 337 0.61 13.90 -16.71
CA ILE B 337 0.97 14.02 -18.11
C ILE B 337 2.45 14.23 -18.31
N PRO B 338 3.05 15.18 -17.56
CA PRO B 338 4.46 15.43 -17.68
C PRO B 338 5.16 14.11 -17.45
N LEU B 339 4.60 13.34 -16.51
CA LEU B 339 5.12 12.01 -16.17
C LEU B 339 5.14 11.07 -17.38
N GLN B 340 4.06 11.04 -18.13
CA GLN B 340 4.05 10.23 -19.33
C GLN B 340 5.08 10.77 -20.30
N LEU B 341 5.06 12.09 -20.49
CA LEU B 341 5.92 12.74 -21.47
C LEU B 341 7.39 12.43 -21.23
N ILE B 342 7.82 12.52 -19.98
CA ILE B 342 9.19 12.18 -19.57
C ILE B 342 9.47 10.73 -19.92
N SER B 343 8.69 9.83 -19.32
CA SER B 343 8.86 8.38 -19.49
C SER B 343 8.92 8.01 -20.96
N TYR B 344 8.05 8.61 -21.77
CA TYR B 344 8.11 8.40 -23.20
C TYR B 344 9.49 8.80 -23.67
N TRP B 345 9.87 10.03 -23.37
CA TRP B 345 11.13 10.54 -23.87
C TRP B 345 12.34 9.86 -23.27
N LEU B 346 12.17 9.15 -22.16
CA LEU B 346 13.28 8.37 -21.59
C LEU B 346 13.50 7.07 -22.35
N ALA B 347 12.52 6.69 -23.16
CA ALA B 347 12.57 5.44 -23.93
C ALA B 347 12.86 5.72 -25.39
N VAL B 348 12.59 6.95 -25.83
CA VAL B 348 13.04 7.41 -27.14
C VAL B 348 14.56 7.53 -27.11
N ASN B 349 15.07 8.17 -26.05
CA ASN B 349 16.50 8.36 -25.86
C ASN B 349 17.31 7.09 -25.66
N ARG B 350 16.63 5.96 -25.45
CA ARG B 350 17.31 4.70 -25.28
C ARG B 350 17.05 3.71 -26.43
N GLY B 351 16.42 4.20 -27.50
CA GLY B 351 16.13 3.39 -28.69
C GLY B 351 15.41 2.09 -28.37
N ILE B 352 14.23 2.20 -27.75
CA ILE B 352 13.41 1.03 -27.36
C ILE B 352 12.02 1.07 -28.03
N ASP B 353 11.59 -0.06 -28.62
CA ASP B 353 10.21 -0.19 -29.15
C ASP B 353 9.21 0.19 -28.07
N VAL B 354 8.64 1.38 -28.22
CA VAL B 354 7.69 1.90 -27.25
C VAL B 354 6.25 1.44 -27.60
N ASP B 355 6.15 0.56 -28.60
CA ASP B 355 4.86 0.09 -29.12
C ASP B 355 4.75 -1.44 -29.17
C1 BG6 C . 7.72 7.33 13.90
C2 BG6 C . 9.17 6.91 13.52
O1 BG6 C . 6.91 7.71 12.76
O5 BG6 C . 7.00 6.31 14.68
C3 BG6 C . 9.24 5.48 12.95
O2 BG6 C . 9.79 7.83 12.61
C4 BG6 C . 8.54 4.50 13.92
O3 BG6 C . 10.60 5.08 12.77
C5 BG6 C . 7.07 4.94 14.11
O4 BG6 C . 8.67 3.13 13.46
C6 BG6 C . 6.17 3.92 14.91
O6 BG6 C . 6.34 3.99 16.33
P BG6 C . 5.21 4.61 17.28
O1P BG6 C . 3.90 4.84 16.65
O2P BG6 C . 5.13 3.60 18.52
O3P BG6 C . 5.87 5.94 17.91
CL CL D . -4.64 -6.57 28.42
C1 BG6 E . -0.35 -5.42 -16.40
C2 BG6 E . 0.29 -4.44 -17.41
O1 BG6 E . 0.17 -5.18 -15.08
O5 BG6 E . -1.79 -5.29 -16.39
C3 BG6 E . -0.31 -2.99 -17.37
O2 BG6 E . 1.71 -4.43 -17.18
C4 BG6 E . -1.76 -2.84 -16.81
O3 BG6 E . -0.30 -2.41 -18.70
C5 BG6 E . -2.20 -3.99 -15.89
O4 BG6 E . -1.86 -1.59 -16.11
C6 BG6 E . -3.72 -4.00 -15.71
O6 BG6 E . -4.37 -4.53 -16.86
P BG6 E . -5.59 -3.73 -17.48
O1P BG6 E . -5.89 -4.14 -18.87
O2P BG6 E . -6.81 -4.01 -16.43
O3P BG6 E . -5.21 -2.12 -17.40
CL CL F . -21.97 3.91 -19.08
#